data_1F0M
# 
_entry.id   1F0M 
# 
_audit_conform.dict_name       mmcif_pdbx.dic 
_audit_conform.dict_version    5.385 
_audit_conform.dict_location   http://mmcif.pdb.org/dictionaries/ascii/mmcif_pdbx.dic 
# 
loop_
_database_2.database_id 
_database_2.database_code 
_database_2.pdbx_database_accession 
_database_2.pdbx_DOI 
PDB   1F0M         pdb_00001f0m 10.2210/pdb1f0m/pdb 
RCSB  RCSB011098   ?            ?                   
WWPDB D_1000011098 ?            ?                   
# 
loop_
_pdbx_audit_revision_history.ordinal 
_pdbx_audit_revision_history.data_content_type 
_pdbx_audit_revision_history.major_revision 
_pdbx_audit_revision_history.minor_revision 
_pdbx_audit_revision_history.revision_date 
1 'Structure model' 1 0 2000-07-04 
2 'Structure model' 1 1 2008-04-27 
3 'Structure model' 1 2 2011-07-13 
4 'Structure model' 1 3 2018-01-31 
5 'Structure model' 1 4 2024-02-07 
# 
_pdbx_audit_revision_details.ordinal             1 
_pdbx_audit_revision_details.revision_ordinal    1 
_pdbx_audit_revision_details.data_content_type   'Structure model' 
_pdbx_audit_revision_details.provider            repository 
_pdbx_audit_revision_details.type                'Initial release' 
_pdbx_audit_revision_details.description         ? 
_pdbx_audit_revision_details.details             ? 
# 
loop_
_pdbx_audit_revision_group.ordinal 
_pdbx_audit_revision_group.revision_ordinal 
_pdbx_audit_revision_group.data_content_type 
_pdbx_audit_revision_group.group 
1 2 'Structure model' 'Version format compliance' 
2 3 'Structure model' 'Version format compliance' 
3 4 'Structure model' 'Experimental preparation'  
4 5 'Structure model' 'Data collection'           
5 5 'Structure model' 'Database references'       
# 
loop_
_pdbx_audit_revision_category.ordinal 
_pdbx_audit_revision_category.revision_ordinal 
_pdbx_audit_revision_category.data_content_type 
_pdbx_audit_revision_category.category 
1 4 'Structure model' exptl_crystal_grow 
2 5 'Structure model' chem_comp_atom     
3 5 'Structure model' chem_comp_bond     
4 5 'Structure model' database_2         
5 5 'Structure model' struct_ref_seq_dif 
# 
loop_
_pdbx_audit_revision_item.ordinal 
_pdbx_audit_revision_item.revision_ordinal 
_pdbx_audit_revision_item.data_content_type 
_pdbx_audit_revision_item.item 
1 4 'Structure model' '_exptl_crystal_grow.temp'            
2 5 'Structure model' '_database_2.pdbx_DOI'                
3 5 'Structure model' '_database_2.pdbx_database_accession' 
4 5 'Structure model' '_struct_ref_seq_dif.details'         
# 
_pdbx_database_status.status_code                     REL 
_pdbx_database_status.entry_id                        1F0M 
_pdbx_database_status.recvd_initial_deposition_date   2000-05-16 
_pdbx_database_status.deposit_site                    RCSB 
_pdbx_database_status.process_site                    RCSB 
_pdbx_database_status.status_code_sf                  REL 
_pdbx_database_status.SG_entry                        . 
_pdbx_database_status.pdb_format_compatible           Y 
_pdbx_database_status.status_code_mr                  ? 
_pdbx_database_status.status_code_cs                  ? 
_pdbx_database_status.methods_development_category    ? 
_pdbx_database_status.status_code_nmr_data            ? 
# 
_pdbx_database_related.db_name        PDB 
_pdbx_database_related.db_id          1b4f 
_pdbx_database_related.details        . 
_pdbx_database_related.content_type   unspecified 
# 
loop_
_audit_author.name 
_audit_author.pdbx_ordinal 
'Thanos, C.D.'   1 
'Faham, S.'      2 
'Goodwill, K.E.' 3 
'Cascio, D.'     4 
'Phillips, M.'   5 
'Bowie, J.U.'    6 
# 
_citation.id                        primary 
_citation.title                     'Monomeric structure of the human EphB2 sterile alpha motif domain.' 
_citation.journal_abbrev            J.Biol.Chem. 
_citation.journal_volume            274 
_citation.page_first                37301 
_citation.page_last                 37306 
_citation.year                      1999 
_citation.journal_id_ASTM           JBCHA3 
_citation.country                   US 
_citation.journal_id_ISSN           0021-9258 
_citation.journal_id_CSD            0071 
_citation.book_publisher            ? 
_citation.pdbx_database_id_PubMed   10601296 
_citation.pdbx_database_id_DOI      10.1074/jbc.274.52.37301 
# 
loop_
_citation_author.citation_id 
_citation_author.name 
_citation_author.ordinal 
_citation_author.identifier_ORCID 
primary 'Thanos, C.D.'   1 ? 
primary 'Faham, S.'      2 ? 
primary 'Goodwill, K.E.' 3 ? 
primary 'Cascio, D.'     4 ? 
primary 'Phillips, M.'   5 ? 
primary 'Bowie, J.U.'    6 ? 
# 
loop_
_entity.id 
_entity.type 
_entity.src_method 
_entity.pdbx_description 
_entity.formula_weight 
_entity.pdbx_number_of_molecules 
_entity.pdbx_ec 
_entity.pdbx_mutation 
_entity.pdbx_fragment 
_entity.details 
1 polymer nat 'EPHRIN TYPE-B RECEPTOR 2' 9401.772 1   ? ? 'EPHB2 RECEPTOR FRAGMENT, SAM DOMAIN' ? 
2 water   nat water                      18.015   113 ? ? ?                                     ? 
# 
_entity_name_com.entity_id   1 
_entity_name_com.name        EPHB2 
# 
_entity_poly.entity_id                      1 
_entity_poly.type                           'polypeptide(L)' 
_entity_poly.nstd_linkage                   no 
_entity_poly.nstd_monomer                   no 
_entity_poly.pdbx_seq_one_letter_code       
;MEKTRPDYTSFNTVDEWLEAIKMGQYKESFANAGFTSFDVVSQMMMEDILRVGVTLAGHQKKILNSIQVMRAQMNQIQSV
EV
;
_entity_poly.pdbx_seq_one_letter_code_can   
;MEKTRPDYTSFNTVDEWLEAIKMGQYKESFANAGFTSFDVVSQMMMEDILRVGVTLAGHQKKILNSIQVMRAQMNQIQSV
EV
;
_entity_poly.pdbx_strand_id                 A 
_entity_poly.pdbx_target_identifier         ? 
# 
_pdbx_entity_nonpoly.entity_id   2 
_pdbx_entity_nonpoly.name        water 
_pdbx_entity_nonpoly.comp_id     HOH 
# 
loop_
_entity_poly_seq.entity_id 
_entity_poly_seq.num 
_entity_poly_seq.mon_id 
_entity_poly_seq.hetero 
1 1  MET n 
1 2  GLU n 
1 3  LYS n 
1 4  THR n 
1 5  ARG n 
1 6  PRO n 
1 7  ASP n 
1 8  TYR n 
1 9  THR n 
1 10 SER n 
1 11 PHE n 
1 12 ASN n 
1 13 THR n 
1 14 VAL n 
1 15 ASP n 
1 16 GLU n 
1 17 TRP n 
1 18 LEU n 
1 19 GLU n 
1 20 ALA n 
1 21 ILE n 
1 22 LYS n 
1 23 MET n 
1 24 GLY n 
1 25 GLN n 
1 26 TYR n 
1 27 LYS n 
1 28 GLU n 
1 29 SER n 
1 30 PHE n 
1 31 ALA n 
1 32 ASN n 
1 33 ALA n 
1 34 GLY n 
1 35 PHE n 
1 36 THR n 
1 37 SER n 
1 38 PHE n 
1 39 ASP n 
1 40 VAL n 
1 41 VAL n 
1 42 SER n 
1 43 GLN n 
1 44 MET n 
1 45 MET n 
1 46 MET n 
1 47 GLU n 
1 48 ASP n 
1 49 ILE n 
1 50 LEU n 
1 51 ARG n 
1 52 VAL n 
1 53 GLY n 
1 54 VAL n 
1 55 THR n 
1 56 LEU n 
1 57 ALA n 
1 58 GLY n 
1 59 HIS n 
1 60 GLN n 
1 61 LYS n 
1 62 LYS n 
1 63 ILE n 
1 64 LEU n 
1 65 ASN n 
1 66 SER n 
1 67 ILE n 
1 68 GLN n 
1 69 VAL n 
1 70 MET n 
1 71 ARG n 
1 72 ALA n 
1 73 GLN n 
1 74 MET n 
1 75 ASN n 
1 76 GLN n 
1 77 ILE n 
1 78 GLN n 
1 79 SER n 
1 80 VAL n 
1 81 GLU n 
1 82 VAL n 
# 
_entity_src_nat.entity_id                  1 
_entity_src_nat.pdbx_src_id                1 
_entity_src_nat.pdbx_alt_source_flag       sample 
_entity_src_nat.pdbx_beg_seq_num           ? 
_entity_src_nat.pdbx_end_seq_num           ? 
_entity_src_nat.common_name                human 
_entity_src_nat.pdbx_organism_scientific   'Homo sapiens' 
_entity_src_nat.pdbx_ncbi_taxonomy_id      9606 
_entity_src_nat.genus                      Homo 
_entity_src_nat.species                    ? 
_entity_src_nat.strain                     ? 
_entity_src_nat.tissue                     ? 
_entity_src_nat.tissue_fraction            ? 
_entity_src_nat.pdbx_secretion             ? 
_entity_src_nat.pdbx_fragment              ? 
_entity_src_nat.pdbx_variant               ? 
_entity_src_nat.pdbx_cell_line             ? 
_entity_src_nat.pdbx_atcc                  ? 
_entity_src_nat.pdbx_cellular_location     ? 
_entity_src_nat.pdbx_organ                 ? 
_entity_src_nat.pdbx_organelle             ? 
_entity_src_nat.pdbx_cell                  ? 
_entity_src_nat.pdbx_plasmid_name          ? 
_entity_src_nat.pdbx_plasmid_details       ? 
_entity_src_nat.details                    ? 
# 
loop_
_chem_comp.id 
_chem_comp.type 
_chem_comp.mon_nstd_flag 
_chem_comp.name 
_chem_comp.pdbx_synonyms 
_chem_comp.formula 
_chem_comp.formula_weight 
ALA 'L-peptide linking' y ALANINE         ? 'C3 H7 N O2'     89.093  
ARG 'L-peptide linking' y ARGININE        ? 'C6 H15 N4 O2 1' 175.209 
ASN 'L-peptide linking' y ASPARAGINE      ? 'C4 H8 N2 O3'    132.118 
ASP 'L-peptide linking' y 'ASPARTIC ACID' ? 'C4 H7 N O4'     133.103 
GLN 'L-peptide linking' y GLUTAMINE       ? 'C5 H10 N2 O3'   146.144 
GLU 'L-peptide linking' y 'GLUTAMIC ACID' ? 'C5 H9 N O4'     147.129 
GLY 'peptide linking'   y GLYCINE         ? 'C2 H5 N O2'     75.067  
HIS 'L-peptide linking' y HISTIDINE       ? 'C6 H10 N3 O2 1' 156.162 
HOH non-polymer         . WATER           ? 'H2 O'           18.015  
ILE 'L-peptide linking' y ISOLEUCINE      ? 'C6 H13 N O2'    131.173 
LEU 'L-peptide linking' y LEUCINE         ? 'C6 H13 N O2'    131.173 
LYS 'L-peptide linking' y LYSINE          ? 'C6 H15 N2 O2 1' 147.195 
MET 'L-peptide linking' y METHIONINE      ? 'C5 H11 N O2 S'  149.211 
PHE 'L-peptide linking' y PHENYLALANINE   ? 'C9 H11 N O2'    165.189 
PRO 'L-peptide linking' y PROLINE         ? 'C5 H9 N O2'     115.130 
SER 'L-peptide linking' y SERINE          ? 'C3 H7 N O3'     105.093 
THR 'L-peptide linking' y THREONINE       ? 'C4 H9 N O3'     119.119 
TRP 'L-peptide linking' y TRYPTOPHAN      ? 'C11 H12 N2 O2'  204.225 
TYR 'L-peptide linking' y TYROSINE        ? 'C9 H11 N O3'    181.189 
VAL 'L-peptide linking' y VALINE          ? 'C5 H11 N O2'    117.146 
# 
loop_
_pdbx_poly_seq_scheme.asym_id 
_pdbx_poly_seq_scheme.entity_id 
_pdbx_poly_seq_scheme.seq_id 
_pdbx_poly_seq_scheme.mon_id 
_pdbx_poly_seq_scheme.ndb_seq_num 
_pdbx_poly_seq_scheme.pdb_seq_num 
_pdbx_poly_seq_scheme.auth_seq_num 
_pdbx_poly_seq_scheme.pdb_mon_id 
_pdbx_poly_seq_scheme.auth_mon_id 
_pdbx_poly_seq_scheme.pdb_strand_id 
_pdbx_poly_seq_scheme.pdb_ins_code 
_pdbx_poly_seq_scheme.hetero 
A 1 1  MET 1  1  ?  ?   ?   A . n 
A 1 2  GLU 2  2  ?  ?   ?   A . n 
A 1 3  LYS 3  3  ?  ?   ?   A . n 
A 1 4  THR 4  4  ?  ?   ?   A . n 
A 1 5  ARG 5  5  ?  ?   ?   A . n 
A 1 6  PRO 6  6  ?  ?   ?   A . n 
A 1 7  ASP 7  7  ?  ?   ?   A . n 
A 1 8  TYR 8  8  8  TYR TYR A . n 
A 1 9  THR 9  9  9  THR THR A . n 
A 1 10 SER 10 10 10 SER SER A . n 
A 1 11 PHE 11 11 11 PHE PHE A . n 
A 1 12 ASN 12 12 12 ASN ASN A . n 
A 1 13 THR 13 13 13 THR THR A . n 
A 1 14 VAL 14 14 14 VAL VAL A . n 
A 1 15 ASP 15 15 15 ASP ASP A . n 
A 1 16 GLU 16 16 16 GLU GLU A . n 
A 1 17 TRP 17 17 17 TRP TRP A . n 
A 1 18 LEU 18 18 18 LEU LEU A . n 
A 1 19 GLU 19 19 19 GLU GLU A . n 
A 1 20 ALA 20 20 20 ALA ALA A . n 
A 1 21 ILE 21 21 21 ILE ILE A . n 
A 1 22 LYS 22 22 22 LYS LYS A . n 
A 1 23 MET 23 23 23 MET MET A . n 
A 1 24 GLY 24 24 24 GLY GLY A . n 
A 1 25 GLN 25 25 25 GLN GLN A . n 
A 1 26 TYR 26 26 26 TYR TYR A . n 
A 1 27 LYS 27 27 27 LYS LYS A . n 
A 1 28 GLU 28 28 28 GLU GLU A . n 
A 1 29 SER 29 29 29 SER SER A . n 
A 1 30 PHE 30 30 30 PHE PHE A . n 
A 1 31 ALA 31 31 31 ALA ALA A . n 
A 1 32 ASN 32 32 32 ASN ASN A . n 
A 1 33 ALA 33 33 33 ALA ALA A . n 
A 1 34 GLY 34 34 34 GLY GLY A . n 
A 1 35 PHE 35 35 35 PHE PHE A . n 
A 1 36 THR 36 36 36 THR THR A . n 
A 1 37 SER 37 37 37 SER SER A . n 
A 1 38 PHE 38 38 38 PHE PHE A . n 
A 1 39 ASP 39 39 39 ASP ASP A . n 
A 1 40 VAL 40 40 40 VAL VAL A . n 
A 1 41 VAL 41 41 41 VAL VAL A . n 
A 1 42 SER 42 42 42 SER SER A . n 
A 1 43 GLN 43 43 43 GLN GLN A . n 
A 1 44 MET 44 44 44 MET MET A . n 
A 1 45 MET 45 45 45 MET MET A . n 
A 1 46 MET 46 46 46 MET MET A . n 
A 1 47 GLU 47 47 47 GLU GLU A . n 
A 1 48 ASP 48 48 48 ASP ASP A . n 
A 1 49 ILE 49 49 49 ILE ILE A . n 
A 1 50 LEU 50 50 50 LEU LEU A . n 
A 1 51 ARG 51 51 51 ARG ARG A . n 
A 1 52 VAL 52 52 52 VAL VAL A . n 
A 1 53 GLY 53 53 53 GLY GLY A . n 
A 1 54 VAL 54 54 54 VAL VAL A . n 
A 1 55 THR 55 55 55 THR THR A . n 
A 1 56 LEU 56 56 56 LEU LEU A . n 
A 1 57 ALA 57 57 57 ALA ALA A . n 
A 1 58 GLY 58 58 58 GLY GLY A . n 
A 1 59 HIS 59 59 59 HIS HIS A . n 
A 1 60 GLN 60 60 60 GLN GLN A . n 
A 1 61 LYS 61 61 61 LYS LYS A . n 
A 1 62 LYS 62 62 62 LYS LYS A . n 
A 1 63 ILE 63 63 63 ILE ILE A . n 
A 1 64 LEU 64 64 64 LEU LEU A . n 
A 1 65 ASN 65 65 65 ASN ASN A . n 
A 1 66 SER 66 66 66 SER SER A . n 
A 1 67 ILE 67 67 67 ILE ILE A . n 
A 1 68 GLN 68 68 68 GLN GLN A . n 
A 1 69 VAL 69 69 69 VAL VAL A . n 
A 1 70 MET 70 70 70 MET MET A . n 
A 1 71 ARG 71 71 71 ARG ARG A . n 
A 1 72 ALA 72 72 72 ALA ALA A . n 
A 1 73 GLN 73 73 73 GLN GLN A . n 
A 1 74 MET 74 74 74 MET MET A . n 
A 1 75 ASN 75 75 75 ASN ASN A . n 
A 1 76 GLN 76 76 76 GLN GLN A . n 
A 1 77 ILE 77 77 77 ILE ILE A . n 
A 1 78 GLN 78 78 78 GLN GLN A . n 
A 1 79 SER 79 79 ?  ?   ?   A . n 
A 1 80 VAL 80 80 ?  ?   ?   A . n 
A 1 81 GLU 81 81 ?  ?   ?   A . n 
A 1 82 VAL 82 82 ?  ?   ?   A . n 
# 
loop_
_pdbx_nonpoly_scheme.asym_id 
_pdbx_nonpoly_scheme.entity_id 
_pdbx_nonpoly_scheme.mon_id 
_pdbx_nonpoly_scheme.ndb_seq_num 
_pdbx_nonpoly_scheme.pdb_seq_num 
_pdbx_nonpoly_scheme.auth_seq_num 
_pdbx_nonpoly_scheme.pdb_mon_id 
_pdbx_nonpoly_scheme.auth_mon_id 
_pdbx_nonpoly_scheme.pdb_strand_id 
_pdbx_nonpoly_scheme.pdb_ins_code 
B 2 HOH 1   100 100 HOH TIP A . 
B 2 HOH 2   101 101 HOH TIP A . 
B 2 HOH 3   102 102 HOH TIP A . 
B 2 HOH 4   104 104 HOH TIP A . 
B 2 HOH 5   105 105 HOH TIP A . 
B 2 HOH 6   106 106 HOH TIP A . 
B 2 HOH 7   108 108 HOH TIP A . 
B 2 HOH 8   109 109 HOH TIP A . 
B 2 HOH 9   110 110 HOH TIP A . 
B 2 HOH 10  111 111 HOH TIP A . 
B 2 HOH 11  112 112 HOH TIP A . 
B 2 HOH 12  113 113 HOH TIP A . 
B 2 HOH 13  114 114 HOH TIP A . 
B 2 HOH 14  115 115 HOH TIP A . 
B 2 HOH 15  116 116 HOH TIP A . 
B 2 HOH 16  117 117 HOH TIP A . 
B 2 HOH 17  118 118 HOH TIP A . 
B 2 HOH 18  119 119 HOH TIP A . 
B 2 HOH 19  121 121 HOH TIP A . 
B 2 HOH 20  122 122 HOH TIP A . 
B 2 HOH 21  123 123 HOH TIP A . 
B 2 HOH 22  124 124 HOH TIP A . 
B 2 HOH 23  125 125 HOH TIP A . 
B 2 HOH 24  126 126 HOH TIP A . 
B 2 HOH 25  127 127 HOH TIP A . 
B 2 HOH 26  129 129 HOH TIP A . 
B 2 HOH 27  131 131 HOH TIP A . 
B 2 HOH 28  132 132 HOH TIP A . 
B 2 HOH 29  133 133 HOH TIP A . 
B 2 HOH 30  135 135 HOH TIP A . 
B 2 HOH 31  138 138 HOH TIP A . 
B 2 HOH 32  139 139 HOH TIP A . 
B 2 HOH 33  140 140 HOH TIP A . 
B 2 HOH 34  141 141 HOH TIP A . 
B 2 HOH 35  142 142 HOH TIP A . 
B 2 HOH 36  143 143 HOH TIP A . 
B 2 HOH 37  144 144 HOH TIP A . 
B 2 HOH 38  145 145 HOH TIP A . 
B 2 HOH 39  146 146 HOH TIP A . 
B 2 HOH 40  147 147 HOH TIP A . 
B 2 HOH 41  148 148 HOH TIP A . 
B 2 HOH 42  149 149 HOH TIP A . 
B 2 HOH 43  152 152 HOH TIP A . 
B 2 HOH 44  153 153 HOH TIP A . 
B 2 HOH 45  154 154 HOH TIP A . 
B 2 HOH 46  156 156 HOH TIP A . 
B 2 HOH 47  157 157 HOH TIP A . 
B 2 HOH 48  159 159 HOH TIP A . 
B 2 HOH 49  160 160 HOH TIP A . 
B 2 HOH 50  161 161 HOH TIP A . 
B 2 HOH 51  165 165 HOH TIP A . 
B 2 HOH 52  166 166 HOH TIP A . 
B 2 HOH 53  169 169 HOH TIP A . 
B 2 HOH 54  170 170 HOH TIP A . 
B 2 HOH 55  171 171 HOH TIP A . 
B 2 HOH 56  173 173 HOH TIP A . 
B 2 HOH 57  174 174 HOH TIP A . 
B 2 HOH 58  176 176 HOH TIP A . 
B 2 HOH 59  178 178 HOH TIP A . 
B 2 HOH 60  179 179 HOH TIP A . 
B 2 HOH 61  180 180 HOH TIP A . 
B 2 HOH 62  181 181 HOH TIP A . 
B 2 HOH 63  182 182 HOH TIP A . 
B 2 HOH 64  184 184 HOH TIP A . 
B 2 HOH 65  187 187 HOH TIP A . 
B 2 HOH 66  200 200 HOH TIP A . 
B 2 HOH 67  202 202 HOH TIP A . 
B 2 HOH 68  203 203 HOH TIP A . 
B 2 HOH 69  204 204 HOH TIP A . 
B 2 HOH 70  205 205 HOH TIP A . 
B 2 HOH 71  206 206 HOH TIP A . 
B 2 HOH 72  207 207 HOH TIP A . 
B 2 HOH 73  208 208 HOH TIP A . 
B 2 HOH 74  209 209 HOH TIP A . 
B 2 HOH 75  210 210 HOH TIP A . 
B 2 HOH 76  211 211 HOH TIP A . 
B 2 HOH 77  212 212 HOH TIP A . 
B 2 HOH 78  213 213 HOH TIP A . 
B 2 HOH 79  214 214 HOH TIP A . 
B 2 HOH 80  215 215 HOH TIP A . 
B 2 HOH 81  216 216 HOH TIP A . 
B 2 HOH 82  217 217 HOH TIP A . 
B 2 HOH 83  218 218 HOH TIP A . 
B 2 HOH 84  219 219 HOH TIP A . 
B 2 HOH 85  220 220 HOH TIP A . 
B 2 HOH 86  221 221 HOH TIP A . 
B 2 HOH 87  222 222 HOH TIP A . 
B 2 HOH 88  223 223 HOH TIP A . 
B 2 HOH 89  224 224 HOH TIP A . 
B 2 HOH 90  225 225 HOH TIP A . 
B 2 HOH 91  226 226 HOH TIP A . 
B 2 HOH 92  227 227 HOH TIP A . 
B 2 HOH 93  228 228 HOH TIP A . 
B 2 HOH 94  229 229 HOH TIP A . 
B 2 HOH 95  230 230 HOH TIP A . 
B 2 HOH 96  231 231 HOH TIP A . 
B 2 HOH 97  232 232 HOH TIP A . 
B 2 HOH 98  233 233 HOH TIP A . 
B 2 HOH 99  234 234 HOH TIP A . 
B 2 HOH 100 235 235 HOH TIP A . 
B 2 HOH 101 236 236 HOH TIP A . 
B 2 HOH 102 237 237 HOH TIP A . 
B 2 HOH 103 238 238 HOH TIP A . 
B 2 HOH 104 239 239 HOH TIP A . 
B 2 HOH 105 240 240 HOH TIP A . 
B 2 HOH 106 241 241 HOH TIP A . 
B 2 HOH 107 242 242 HOH TIP A . 
B 2 HOH 108 243 243 HOH TIP A . 
B 2 HOH 109 244 244 HOH TIP A . 
B 2 HOH 110 245 245 HOH TIP A . 
B 2 HOH 111 246 246 HOH TIP A . 
B 2 HOH 112 247 247 HOH TIP A . 
B 2 HOH 113 248 248 HOH TIP A . 
# 
loop_
_software.name 
_software.classification 
_software.version 
_software.citation_id 
_software.pdbx_ordinal 
AMoRE     phasing          . ? 1 
CNS       refinement       . ? 2 
DENZO     'data reduction' . ? 3 
SCALEPACK 'data scaling'   . ? 4 
# 
_cell.entry_id           1F0M 
_cell.length_a           54.837 
_cell.length_b           54.837 
_cell.length_c           65.545 
_cell.angle_alpha        90.00 
_cell.angle_beta         90.00 
_cell.angle_gamma        90.00 
_cell.Z_PDB              8 
_cell.pdbx_unique_axis   ? 
# 
_symmetry.entry_id                         1F0M 
_symmetry.space_group_name_H-M             'P 43 21 2' 
_symmetry.pdbx_full_space_group_name_H-M   ? 
_symmetry.cell_setting                     ? 
_symmetry.Int_Tables_number                96 
# 
_exptl.entry_id          1F0M 
_exptl.method            'X-RAY DIFFRACTION' 
_exptl.crystals_number   1 
# 
_exptl_crystal.id                    1 
_exptl_crystal.density_meas          ? 
_exptl_crystal.density_percent_sol   53.06 
_exptl_crystal.density_Matthews      2.62 
_exptl_crystal.description           ? 
# 
_exptl_crystal_grow.crystal_id      1 
_exptl_crystal_grow.method          'VAPOR DIFFUSION, HANGING DROP' 
_exptl_crystal_grow.pH              7 
_exptl_crystal_grow.temp            298.0 
_exptl_crystal_grow.temp_details    ? 
_exptl_crystal_grow.pdbx_details    '30% peg, 70 mM lithium sulfate, VAPOR DIFFUSION, HANGING DROP, temperature 25K' 
_exptl_crystal_grow.pdbx_pH_range   . 
# 
_diffrn.id                     1 
_diffrn.ambient_temp           100 
_diffrn.ambient_temp_details   ? 
_diffrn.crystal_id             1 
# 
_diffrn_detector.diffrn_id              1 
_diffrn_detector.detector               CCD 
_diffrn_detector.type                   OTHER 
_diffrn_detector.pdbx_collection_date   1998-09-08 
_diffrn_detector.details                ? 
# 
_diffrn_radiation.diffrn_id                        1 
_diffrn_radiation.wavelength_id                    1 
_diffrn_radiation.monochromator                    ? 
_diffrn_radiation.pdbx_monochromatic_or_laue_m_l   M 
_diffrn_radiation.pdbx_diffrn_protocol             'SINGLE WAVELENGTH' 
_diffrn_radiation.pdbx_scattering_type             x-ray 
# 
_diffrn_radiation_wavelength.id           1 
_diffrn_radiation_wavelength.wavelength   1 
_diffrn_radiation_wavelength.wt           1.0 
# 
_diffrn_source.diffrn_id                   1 
_diffrn_source.source                      SYNCHROTRON 
_diffrn_source.type                        'NSLS BEAMLINE X12C' 
_diffrn_source.pdbx_wavelength             1 
_diffrn_source.pdbx_synchrotron_site       NSLS 
_diffrn_source.pdbx_synchrotron_beamline   X12C 
_diffrn_source.pdbx_wavelength_list        ? 
# 
_reflns.entry_id                     1F0M 
_reflns.observed_criterion_sigma_I   0 
_reflns.observed_criterion_sigma_F   0 
_reflns.d_resolution_low             500 
_reflns.d_resolution_high            2.2 
_reflns.number_obs                   4963 
_reflns.number_all                   5449 
_reflns.percent_possible_obs         92 
_reflns.pdbx_Rmerge_I_obs            0.0480000 
_reflns.pdbx_Rsym_value              ? 
_reflns.pdbx_netI_over_sigmaI        31 
_reflns.B_iso_Wilson_estimate        14 
_reflns.pdbx_redundancy              8.4 
_reflns.R_free_details               ? 
_reflns.limit_h_max                  ? 
_reflns.limit_h_min                  ? 
_reflns.limit_k_max                  ? 
_reflns.limit_k_min                  ? 
_reflns.limit_l_max                  ? 
_reflns.limit_l_min                  ? 
_reflns.observed_criterion_F_max     ? 
_reflns.observed_criterion_F_min     ? 
_reflns.pdbx_diffrn_id               1 
_reflns.pdbx_ordinal                 1 
# 
_reflns_shell.d_res_high             2.2 
_reflns_shell.d_res_low              50 
_reflns_shell.percent_possible_obs   ? 
_reflns_shell.percent_possible_all   91.1 
_reflns_shell.Rmerge_I_obs           0.0480000 
_reflns_shell.meanI_over_sigI_obs    ? 
_reflns_shell.pdbx_Rsym_value        ? 
_reflns_shell.pdbx_redundancy        8.4 
_reflns_shell.number_unique_all      5273 
_reflns_shell.pdbx_diffrn_id         ? 
_reflns_shell.pdbx_ordinal           1 
# 
_refine.entry_id                                 1F0M 
_refine.ls_number_reflns_obs                     4963 
_refine.ls_number_reflns_all                     5449 
_refine.pdbx_ls_sigma_I                          0 
_refine.pdbx_ls_sigma_F                          0 
_refine.pdbx_data_cutoff_high_absF               ? 
_refine.pdbx_data_cutoff_low_absF                ? 
_refine.ls_d_res_low                             50 
_refine.ls_d_res_high                            2.2 
_refine.ls_percent_reflns_obs                    ? 
_refine.ls_R_factor_obs                          0.2430000 
_refine.ls_R_factor_all                          0.2430000 
_refine.ls_R_factor_R_work                       0.2430000 
_refine.ls_R_factor_R_free                       0.2640000 
_refine.ls_R_factor_R_free_error                 ? 
_refine.ls_R_factor_R_free_error_details         ? 
_refine.ls_percent_reflns_R_free                 ? 
_refine.ls_number_reflns_R_free                  524 
_refine.ls_number_parameters                     ? 
_refine.ls_number_restraints                     ? 
_refine.occupancy_min                            ? 
_refine.occupancy_max                            ? 
_refine.B_iso_mean                               ? 
_refine.aniso_B[1][1]                            ? 
_refine.aniso_B[2][2]                            ? 
_refine.aniso_B[3][3]                            ? 
_refine.aniso_B[1][2]                            ? 
_refine.aniso_B[1][3]                            ? 
_refine.aniso_B[2][3]                            ? 
_refine.solvent_model_details                    ? 
_refine.solvent_model_param_ksol                 ? 
_refine.solvent_model_param_bsol                 ? 
_refine.pdbx_ls_cross_valid_method               ? 
_refine.details                                  ? 
_refine.pdbx_starting_model                      ? 
_refine.pdbx_method_to_determine_struct          ? 
_refine.pdbx_isotropic_thermal_model             ? 
_refine.pdbx_stereochemistry_target_values       'Engh & Huber' 
_refine.pdbx_stereochem_target_val_spec_case     ? 
_refine.pdbx_R_Free_selection_details            random 
_refine.pdbx_overall_ESU_R_Free                  ? 
_refine.overall_SU_B                             ? 
_refine.ls_redundancy_reflns_obs                 ? 
_refine.B_iso_min                                ? 
_refine.B_iso_max                                ? 
_refine.overall_SU_ML                            ? 
_refine.pdbx_overall_ESU_R                       ? 
_refine.pdbx_data_cutoff_high_rms_absF           ? 
_refine.pdbx_refine_id                           'X-RAY DIFFRACTION' 
_refine.pdbx_diffrn_id                           1 
_refine.pdbx_TLS_residual_ADP_flag               ? 
_refine.correlation_coeff_Fo_to_Fc               ? 
_refine.correlation_coeff_Fo_to_Fc_free          ? 
_refine.pdbx_solvent_vdw_probe_radii             ? 
_refine.pdbx_solvent_ion_probe_radii             ? 
_refine.pdbx_solvent_shrinkage_radii             ? 
_refine.pdbx_overall_phase_error                 ? 
_refine.overall_SU_R_Cruickshank_DPI             ? 
_refine.pdbx_overall_SU_R_free_Cruickshank_DPI   ? 
_refine.pdbx_overall_SU_R_Blow_DPI               ? 
_refine.pdbx_overall_SU_R_free_Blow_DPI          ? 
# 
_refine_hist.pdbx_refine_id                   'X-RAY DIFFRACTION' 
_refine_hist.cycle_id                         LAST 
_refine_hist.pdbx_number_atoms_protein        566 
_refine_hist.pdbx_number_atoms_nucleic_acid   0 
_refine_hist.pdbx_number_atoms_ligand         0 
_refine_hist.number_atoms_solvent             113 
_refine_hist.number_atoms_total               679 
_refine_hist.d_res_high                       2.2 
_refine_hist.d_res_low                        50 
# 
loop_
_refine_ls_restr.type 
_refine_ls_restr.dev_ideal 
_refine_ls_restr.dev_ideal_target 
_refine_ls_restr.weight 
_refine_ls_restr.number 
_refine_ls_restr.pdbx_refine_id 
_refine_ls_restr.pdbx_restraint_function 
x_bond_d    0.013 ? ? ? 'X-RAY DIFFRACTION' ? 
x_angle_deg 2.097 ? ? ? 'X-RAY DIFFRACTION' ? 
# 
_struct.entry_id                  1F0M 
_struct.title                     'MONOMERIC STRUCTURE OF THE HUMAN EPHB2 SAM (STERILE ALPHA MOTIF) DOMAIN' 
_struct.pdbx_model_details        ? 
_struct.pdbx_CASP_flag            ? 
_struct.pdbx_model_type_details   ? 
# 
_struct_keywords.entry_id        1F0M 
_struct_keywords.pdbx_keywords   'SIGNALING PROTEIN' 
_struct_keywords.text            'SAM domain, SIGNALING PROTEIN' 
# 
loop_
_struct_asym.id 
_struct_asym.pdbx_blank_PDB_chainid_flag 
_struct_asym.pdbx_modified 
_struct_asym.entity_id 
_struct_asym.details 
A N N 1 ? 
B N N 2 ? 
# 
_struct_ref.id                         1 
_struct_ref.db_code                    EPHB2_HUMAN 
_struct_ref.db_name                    UNP 
_struct_ref.entity_id                  1 
_struct_ref.pdbx_db_accession          P29323 
_struct_ref.pdbx_align_begin           889 
_struct_ref.pdbx_seq_one_letter_code   
;MEKTRPDYTSFNTVDEWLEAIKMGQYKESFANAGFTSFDVVSQMMMEDILRVGVTLAGHQKKILNSIQVMRAQMNQIQSV
EV
;
_struct_ref.pdbx_db_isoform            ? 
# 
_struct_ref_seq.align_id                      1 
_struct_ref_seq.ref_id                        1 
_struct_ref_seq.pdbx_PDB_id_code              1F0M 
_struct_ref_seq.pdbx_strand_id                A 
_struct_ref_seq.seq_align_beg                 1 
_struct_ref_seq.pdbx_seq_align_beg_ins_code   ? 
_struct_ref_seq.seq_align_end                 82 
_struct_ref_seq.pdbx_seq_align_end_ins_code   ? 
_struct_ref_seq.pdbx_db_accession             P29323 
_struct_ref_seq.db_align_beg                  889 
_struct_ref_seq.pdbx_db_align_beg_ins_code    ? 
_struct_ref_seq.db_align_end                  970 
_struct_ref_seq.pdbx_db_align_end_ins_code    ? 
_struct_ref_seq.pdbx_auth_seq_align_beg       1 
_struct_ref_seq.pdbx_auth_seq_align_end       82 
# 
loop_
_struct_ref_seq_dif.align_id 
_struct_ref_seq_dif.pdbx_pdb_id_code 
_struct_ref_seq_dif.mon_id 
_struct_ref_seq_dif.pdbx_pdb_strand_id 
_struct_ref_seq_dif.seq_num 
_struct_ref_seq_dif.pdbx_pdb_ins_code 
_struct_ref_seq_dif.pdbx_seq_db_name 
_struct_ref_seq_dif.pdbx_seq_db_accession_code 
_struct_ref_seq_dif.db_mon_id 
_struct_ref_seq_dif.pdbx_seq_db_seq_num 
_struct_ref_seq_dif.details 
_struct_ref_seq_dif.pdbx_auth_seq_num 
_struct_ref_seq_dif.pdbx_ordinal 
1 1F0M MET A 1 ? UNP P29323 LEU 889 conflict 1 1 
1 1F0M GLU A 2 ? UNP P29323 ASP 890 conflict 2 2 
1 1F0M LYS A 3 ? UNP P29323 ARG 891 conflict 3 3 
1 1F0M ARG A 5 ? UNP P29323 ILE 893 conflict 5 4 
# 
_pdbx_struct_assembly.id                   1 
_pdbx_struct_assembly.details              author_defined_assembly 
_pdbx_struct_assembly.method_details       ? 
_pdbx_struct_assembly.oligomeric_details   monomeric 
_pdbx_struct_assembly.oligomeric_count     1 
# 
_pdbx_struct_assembly_gen.assembly_id       1 
_pdbx_struct_assembly_gen.oper_expression   1 
_pdbx_struct_assembly_gen.asym_id_list      A,B 
# 
_pdbx_struct_oper_list.id                   1 
_pdbx_struct_oper_list.type                 'identity operation' 
_pdbx_struct_oper_list.name                 1_555 
_pdbx_struct_oper_list.symmetry_operation   x,y,z 
_pdbx_struct_oper_list.matrix[1][1]         1.0000000000 
_pdbx_struct_oper_list.matrix[1][2]         0.0000000000 
_pdbx_struct_oper_list.matrix[1][3]         0.0000000000 
_pdbx_struct_oper_list.vector[1]            0.0000000000 
_pdbx_struct_oper_list.matrix[2][1]         0.0000000000 
_pdbx_struct_oper_list.matrix[2][2]         1.0000000000 
_pdbx_struct_oper_list.matrix[2][3]         0.0000000000 
_pdbx_struct_oper_list.vector[2]            0.0000000000 
_pdbx_struct_oper_list.matrix[3][1]         0.0000000000 
_pdbx_struct_oper_list.matrix[3][2]         0.0000000000 
_pdbx_struct_oper_list.matrix[3][3]         1.0000000000 
_pdbx_struct_oper_list.vector[3]            0.0000000000 
# 
loop_
_struct_conf.conf_type_id 
_struct_conf.id 
_struct_conf.pdbx_PDB_helix_id 
_struct_conf.beg_label_comp_id 
_struct_conf.beg_label_asym_id 
_struct_conf.beg_label_seq_id 
_struct_conf.pdbx_beg_PDB_ins_code 
_struct_conf.end_label_comp_id 
_struct_conf.end_label_asym_id 
_struct_conf.end_label_seq_id 
_struct_conf.pdbx_end_PDB_ins_code 
_struct_conf.beg_auth_comp_id 
_struct_conf.beg_auth_asym_id 
_struct_conf.beg_auth_seq_id 
_struct_conf.end_auth_comp_id 
_struct_conf.end_auth_asym_id 
_struct_conf.end_auth_seq_id 
_struct_conf.pdbx_PDB_helix_class 
_struct_conf.details 
_struct_conf.pdbx_PDB_helix_length 
HELX_P HELX_P1 1 THR A 13 ? ILE A 21 ? THR A 13 ILE A 21 1 ? 9  
HELX_P HELX_P2 2 MET A 23 ? GLN A 25 ? MET A 23 GLN A 25 5 ? 3  
HELX_P HELX_P3 3 TYR A 26 ? ASN A 32 ? TYR A 26 ASN A 32 1 ? 7  
HELX_P HELX_P4 4 SER A 37 ? SER A 42 ? SER A 37 SER A 42 1 ? 6  
HELX_P HELX_P5 5 MET A 45 ? VAL A 52 ? MET A 45 VAL A 52 1 ? 8  
HELX_P HELX_P6 6 LEU A 56 ? ILE A 77 ? LEU A 56 ILE A 77 1 ? 22 
# 
_struct_conf_type.id          HELX_P 
_struct_conf_type.criteria    ? 
_struct_conf_type.reference   ? 
# 
loop_
_pdbx_validate_rmsd_angle.id 
_pdbx_validate_rmsd_angle.PDB_model_num 
_pdbx_validate_rmsd_angle.auth_atom_id_1 
_pdbx_validate_rmsd_angle.auth_asym_id_1 
_pdbx_validate_rmsd_angle.auth_comp_id_1 
_pdbx_validate_rmsd_angle.auth_seq_id_1 
_pdbx_validate_rmsd_angle.PDB_ins_code_1 
_pdbx_validate_rmsd_angle.label_alt_id_1 
_pdbx_validate_rmsd_angle.auth_atom_id_2 
_pdbx_validate_rmsd_angle.auth_asym_id_2 
_pdbx_validate_rmsd_angle.auth_comp_id_2 
_pdbx_validate_rmsd_angle.auth_seq_id_2 
_pdbx_validate_rmsd_angle.PDB_ins_code_2 
_pdbx_validate_rmsd_angle.label_alt_id_2 
_pdbx_validate_rmsd_angle.auth_atom_id_3 
_pdbx_validate_rmsd_angle.auth_asym_id_3 
_pdbx_validate_rmsd_angle.auth_comp_id_3 
_pdbx_validate_rmsd_angle.auth_seq_id_3 
_pdbx_validate_rmsd_angle.PDB_ins_code_3 
_pdbx_validate_rmsd_angle.label_alt_id_3 
_pdbx_validate_rmsd_angle.angle_value 
_pdbx_validate_rmsd_angle.angle_target_value 
_pdbx_validate_rmsd_angle.angle_deviation 
_pdbx_validate_rmsd_angle.angle_standard_deviation 
_pdbx_validate_rmsd_angle.linker_flag 
1 1 CB A ILE 77 ? ? CA A ILE 77 ? ? C  A ILE 77 ? ? 89.77 111.60 -21.83 2.00 N 
2 1 CA A GLN 78 ? ? CB A GLN 78 ? ? CG A GLN 78 ? ? 99.10 113.40 -14.30 2.20 N 
# 
loop_
_pdbx_validate_torsion.id 
_pdbx_validate_torsion.PDB_model_num 
_pdbx_validate_torsion.auth_comp_id 
_pdbx_validate_torsion.auth_asym_id 
_pdbx_validate_torsion.auth_seq_id 
_pdbx_validate_torsion.PDB_ins_code 
_pdbx_validate_torsion.label_alt_id 
_pdbx_validate_torsion.phi 
_pdbx_validate_torsion.psi 
1 1 THR A 9  ? ? -93.26 52.32 
2 1 ASN A 32 ? ? -59.65 -1.13 
3 1 ILE A 77 ? ? -79.98 43.63 
# 
loop_
_pdbx_unobs_or_zero_occ_residues.id 
_pdbx_unobs_or_zero_occ_residues.PDB_model_num 
_pdbx_unobs_or_zero_occ_residues.polymer_flag 
_pdbx_unobs_or_zero_occ_residues.occupancy_flag 
_pdbx_unobs_or_zero_occ_residues.auth_asym_id 
_pdbx_unobs_or_zero_occ_residues.auth_comp_id 
_pdbx_unobs_or_zero_occ_residues.auth_seq_id 
_pdbx_unobs_or_zero_occ_residues.PDB_ins_code 
_pdbx_unobs_or_zero_occ_residues.label_asym_id 
_pdbx_unobs_or_zero_occ_residues.label_comp_id 
_pdbx_unobs_or_zero_occ_residues.label_seq_id 
1  1 Y 1 A MET 1  ? A MET 1  
2  1 Y 1 A GLU 2  ? A GLU 2  
3  1 Y 1 A LYS 3  ? A LYS 3  
4  1 Y 1 A THR 4  ? A THR 4  
5  1 Y 1 A ARG 5  ? A ARG 5  
6  1 Y 1 A PRO 6  ? A PRO 6  
7  1 Y 1 A ASP 7  ? A ASP 7  
8  1 Y 1 A SER 79 ? A SER 79 
9  1 Y 1 A VAL 80 ? A VAL 80 
10 1 Y 1 A GLU 81 ? A GLU 81 
11 1 Y 1 A VAL 82 ? A VAL 82 
# 
loop_
_chem_comp_atom.comp_id 
_chem_comp_atom.atom_id 
_chem_comp_atom.type_symbol 
_chem_comp_atom.pdbx_aromatic_flag 
_chem_comp_atom.pdbx_stereo_config 
_chem_comp_atom.pdbx_ordinal 
ALA N    N N N 1   
ALA CA   C N S 2   
ALA C    C N N 3   
ALA O    O N N 4   
ALA CB   C N N 5   
ALA OXT  O N N 6   
ALA H    H N N 7   
ALA H2   H N N 8   
ALA HA   H N N 9   
ALA HB1  H N N 10  
ALA HB2  H N N 11  
ALA HB3  H N N 12  
ALA HXT  H N N 13  
ARG N    N N N 14  
ARG CA   C N S 15  
ARG C    C N N 16  
ARG O    O N N 17  
ARG CB   C N N 18  
ARG CG   C N N 19  
ARG CD   C N N 20  
ARG NE   N N N 21  
ARG CZ   C N N 22  
ARG NH1  N N N 23  
ARG NH2  N N N 24  
ARG OXT  O N N 25  
ARG H    H N N 26  
ARG H2   H N N 27  
ARG HA   H N N 28  
ARG HB2  H N N 29  
ARG HB3  H N N 30  
ARG HG2  H N N 31  
ARG HG3  H N N 32  
ARG HD2  H N N 33  
ARG HD3  H N N 34  
ARG HE   H N N 35  
ARG HH11 H N N 36  
ARG HH12 H N N 37  
ARG HH21 H N N 38  
ARG HH22 H N N 39  
ARG HXT  H N N 40  
ASN N    N N N 41  
ASN CA   C N S 42  
ASN C    C N N 43  
ASN O    O N N 44  
ASN CB   C N N 45  
ASN CG   C N N 46  
ASN OD1  O N N 47  
ASN ND2  N N N 48  
ASN OXT  O N N 49  
ASN H    H N N 50  
ASN H2   H N N 51  
ASN HA   H N N 52  
ASN HB2  H N N 53  
ASN HB3  H N N 54  
ASN HD21 H N N 55  
ASN HD22 H N N 56  
ASN HXT  H N N 57  
ASP N    N N N 58  
ASP CA   C N S 59  
ASP C    C N N 60  
ASP O    O N N 61  
ASP CB   C N N 62  
ASP CG   C N N 63  
ASP OD1  O N N 64  
ASP OD2  O N N 65  
ASP OXT  O N N 66  
ASP H    H N N 67  
ASP H2   H N N 68  
ASP HA   H N N 69  
ASP HB2  H N N 70  
ASP HB3  H N N 71  
ASP HD2  H N N 72  
ASP HXT  H N N 73  
GLN N    N N N 74  
GLN CA   C N S 75  
GLN C    C N N 76  
GLN O    O N N 77  
GLN CB   C N N 78  
GLN CG   C N N 79  
GLN CD   C N N 80  
GLN OE1  O N N 81  
GLN NE2  N N N 82  
GLN OXT  O N N 83  
GLN H    H N N 84  
GLN H2   H N N 85  
GLN HA   H N N 86  
GLN HB2  H N N 87  
GLN HB3  H N N 88  
GLN HG2  H N N 89  
GLN HG3  H N N 90  
GLN HE21 H N N 91  
GLN HE22 H N N 92  
GLN HXT  H N N 93  
GLU N    N N N 94  
GLU CA   C N S 95  
GLU C    C N N 96  
GLU O    O N N 97  
GLU CB   C N N 98  
GLU CG   C N N 99  
GLU CD   C N N 100 
GLU OE1  O N N 101 
GLU OE2  O N N 102 
GLU OXT  O N N 103 
GLU H    H N N 104 
GLU H2   H N N 105 
GLU HA   H N N 106 
GLU HB2  H N N 107 
GLU HB3  H N N 108 
GLU HG2  H N N 109 
GLU HG3  H N N 110 
GLU HE2  H N N 111 
GLU HXT  H N N 112 
GLY N    N N N 113 
GLY CA   C N N 114 
GLY C    C N N 115 
GLY O    O N N 116 
GLY OXT  O N N 117 
GLY H    H N N 118 
GLY H2   H N N 119 
GLY HA2  H N N 120 
GLY HA3  H N N 121 
GLY HXT  H N N 122 
HIS N    N N N 123 
HIS CA   C N S 124 
HIS C    C N N 125 
HIS O    O N N 126 
HIS CB   C N N 127 
HIS CG   C Y N 128 
HIS ND1  N Y N 129 
HIS CD2  C Y N 130 
HIS CE1  C Y N 131 
HIS NE2  N Y N 132 
HIS OXT  O N N 133 
HIS H    H N N 134 
HIS H2   H N N 135 
HIS HA   H N N 136 
HIS HB2  H N N 137 
HIS HB3  H N N 138 
HIS HD1  H N N 139 
HIS HD2  H N N 140 
HIS HE1  H N N 141 
HIS HE2  H N N 142 
HIS HXT  H N N 143 
HOH O    O N N 144 
HOH H1   H N N 145 
HOH H2   H N N 146 
ILE N    N N N 147 
ILE CA   C N S 148 
ILE C    C N N 149 
ILE O    O N N 150 
ILE CB   C N S 151 
ILE CG1  C N N 152 
ILE CG2  C N N 153 
ILE CD1  C N N 154 
ILE OXT  O N N 155 
ILE H    H N N 156 
ILE H2   H N N 157 
ILE HA   H N N 158 
ILE HB   H N N 159 
ILE HG12 H N N 160 
ILE HG13 H N N 161 
ILE HG21 H N N 162 
ILE HG22 H N N 163 
ILE HG23 H N N 164 
ILE HD11 H N N 165 
ILE HD12 H N N 166 
ILE HD13 H N N 167 
ILE HXT  H N N 168 
LEU N    N N N 169 
LEU CA   C N S 170 
LEU C    C N N 171 
LEU O    O N N 172 
LEU CB   C N N 173 
LEU CG   C N N 174 
LEU CD1  C N N 175 
LEU CD2  C N N 176 
LEU OXT  O N N 177 
LEU H    H N N 178 
LEU H2   H N N 179 
LEU HA   H N N 180 
LEU HB2  H N N 181 
LEU HB3  H N N 182 
LEU HG   H N N 183 
LEU HD11 H N N 184 
LEU HD12 H N N 185 
LEU HD13 H N N 186 
LEU HD21 H N N 187 
LEU HD22 H N N 188 
LEU HD23 H N N 189 
LEU HXT  H N N 190 
LYS N    N N N 191 
LYS CA   C N S 192 
LYS C    C N N 193 
LYS O    O N N 194 
LYS CB   C N N 195 
LYS CG   C N N 196 
LYS CD   C N N 197 
LYS CE   C N N 198 
LYS NZ   N N N 199 
LYS OXT  O N N 200 
LYS H    H N N 201 
LYS H2   H N N 202 
LYS HA   H N N 203 
LYS HB2  H N N 204 
LYS HB3  H N N 205 
LYS HG2  H N N 206 
LYS HG3  H N N 207 
LYS HD2  H N N 208 
LYS HD3  H N N 209 
LYS HE2  H N N 210 
LYS HE3  H N N 211 
LYS HZ1  H N N 212 
LYS HZ2  H N N 213 
LYS HZ3  H N N 214 
LYS HXT  H N N 215 
MET N    N N N 216 
MET CA   C N S 217 
MET C    C N N 218 
MET O    O N N 219 
MET CB   C N N 220 
MET CG   C N N 221 
MET SD   S N N 222 
MET CE   C N N 223 
MET OXT  O N N 224 
MET H    H N N 225 
MET H2   H N N 226 
MET HA   H N N 227 
MET HB2  H N N 228 
MET HB3  H N N 229 
MET HG2  H N N 230 
MET HG3  H N N 231 
MET HE1  H N N 232 
MET HE2  H N N 233 
MET HE3  H N N 234 
MET HXT  H N N 235 
PHE N    N N N 236 
PHE CA   C N S 237 
PHE C    C N N 238 
PHE O    O N N 239 
PHE CB   C N N 240 
PHE CG   C Y N 241 
PHE CD1  C Y N 242 
PHE CD2  C Y N 243 
PHE CE1  C Y N 244 
PHE CE2  C Y N 245 
PHE CZ   C Y N 246 
PHE OXT  O N N 247 
PHE H    H N N 248 
PHE H2   H N N 249 
PHE HA   H N N 250 
PHE HB2  H N N 251 
PHE HB3  H N N 252 
PHE HD1  H N N 253 
PHE HD2  H N N 254 
PHE HE1  H N N 255 
PHE HE2  H N N 256 
PHE HZ   H N N 257 
PHE HXT  H N N 258 
PRO N    N N N 259 
PRO CA   C N S 260 
PRO C    C N N 261 
PRO O    O N N 262 
PRO CB   C N N 263 
PRO CG   C N N 264 
PRO CD   C N N 265 
PRO OXT  O N N 266 
PRO H    H N N 267 
PRO HA   H N N 268 
PRO HB2  H N N 269 
PRO HB3  H N N 270 
PRO HG2  H N N 271 
PRO HG3  H N N 272 
PRO HD2  H N N 273 
PRO HD3  H N N 274 
PRO HXT  H N N 275 
SER N    N N N 276 
SER CA   C N S 277 
SER C    C N N 278 
SER O    O N N 279 
SER CB   C N N 280 
SER OG   O N N 281 
SER OXT  O N N 282 
SER H    H N N 283 
SER H2   H N N 284 
SER HA   H N N 285 
SER HB2  H N N 286 
SER HB3  H N N 287 
SER HG   H N N 288 
SER HXT  H N N 289 
THR N    N N N 290 
THR CA   C N S 291 
THR C    C N N 292 
THR O    O N N 293 
THR CB   C N R 294 
THR OG1  O N N 295 
THR CG2  C N N 296 
THR OXT  O N N 297 
THR H    H N N 298 
THR H2   H N N 299 
THR HA   H N N 300 
THR HB   H N N 301 
THR HG1  H N N 302 
THR HG21 H N N 303 
THR HG22 H N N 304 
THR HG23 H N N 305 
THR HXT  H N N 306 
TRP N    N N N 307 
TRP CA   C N S 308 
TRP C    C N N 309 
TRP O    O N N 310 
TRP CB   C N N 311 
TRP CG   C Y N 312 
TRP CD1  C Y N 313 
TRP CD2  C Y N 314 
TRP NE1  N Y N 315 
TRP CE2  C Y N 316 
TRP CE3  C Y N 317 
TRP CZ2  C Y N 318 
TRP CZ3  C Y N 319 
TRP CH2  C Y N 320 
TRP OXT  O N N 321 
TRP H    H N N 322 
TRP H2   H N N 323 
TRP HA   H N N 324 
TRP HB2  H N N 325 
TRP HB3  H N N 326 
TRP HD1  H N N 327 
TRP HE1  H N N 328 
TRP HE3  H N N 329 
TRP HZ2  H N N 330 
TRP HZ3  H N N 331 
TRP HH2  H N N 332 
TRP HXT  H N N 333 
TYR N    N N N 334 
TYR CA   C N S 335 
TYR C    C N N 336 
TYR O    O N N 337 
TYR CB   C N N 338 
TYR CG   C Y N 339 
TYR CD1  C Y N 340 
TYR CD2  C Y N 341 
TYR CE1  C Y N 342 
TYR CE2  C Y N 343 
TYR CZ   C Y N 344 
TYR OH   O N N 345 
TYR OXT  O N N 346 
TYR H    H N N 347 
TYR H2   H N N 348 
TYR HA   H N N 349 
TYR HB2  H N N 350 
TYR HB3  H N N 351 
TYR HD1  H N N 352 
TYR HD2  H N N 353 
TYR HE1  H N N 354 
TYR HE2  H N N 355 
TYR HH   H N N 356 
TYR HXT  H N N 357 
VAL N    N N N 358 
VAL CA   C N S 359 
VAL C    C N N 360 
VAL O    O N N 361 
VAL CB   C N N 362 
VAL CG1  C N N 363 
VAL CG2  C N N 364 
VAL OXT  O N N 365 
VAL H    H N N 366 
VAL H2   H N N 367 
VAL HA   H N N 368 
VAL HB   H N N 369 
VAL HG11 H N N 370 
VAL HG12 H N N 371 
VAL HG13 H N N 372 
VAL HG21 H N N 373 
VAL HG22 H N N 374 
VAL HG23 H N N 375 
VAL HXT  H N N 376 
# 
loop_
_chem_comp_bond.comp_id 
_chem_comp_bond.atom_id_1 
_chem_comp_bond.atom_id_2 
_chem_comp_bond.value_order 
_chem_comp_bond.pdbx_aromatic_flag 
_chem_comp_bond.pdbx_stereo_config 
_chem_comp_bond.pdbx_ordinal 
ALA N   CA   sing N N 1   
ALA N   H    sing N N 2   
ALA N   H2   sing N N 3   
ALA CA  C    sing N N 4   
ALA CA  CB   sing N N 5   
ALA CA  HA   sing N N 6   
ALA C   O    doub N N 7   
ALA C   OXT  sing N N 8   
ALA CB  HB1  sing N N 9   
ALA CB  HB2  sing N N 10  
ALA CB  HB3  sing N N 11  
ALA OXT HXT  sing N N 12  
ARG N   CA   sing N N 13  
ARG N   H    sing N N 14  
ARG N   H2   sing N N 15  
ARG CA  C    sing N N 16  
ARG CA  CB   sing N N 17  
ARG CA  HA   sing N N 18  
ARG C   O    doub N N 19  
ARG C   OXT  sing N N 20  
ARG CB  CG   sing N N 21  
ARG CB  HB2  sing N N 22  
ARG CB  HB3  sing N N 23  
ARG CG  CD   sing N N 24  
ARG CG  HG2  sing N N 25  
ARG CG  HG3  sing N N 26  
ARG CD  NE   sing N N 27  
ARG CD  HD2  sing N N 28  
ARG CD  HD3  sing N N 29  
ARG NE  CZ   sing N N 30  
ARG NE  HE   sing N N 31  
ARG CZ  NH1  sing N N 32  
ARG CZ  NH2  doub N N 33  
ARG NH1 HH11 sing N N 34  
ARG NH1 HH12 sing N N 35  
ARG NH2 HH21 sing N N 36  
ARG NH2 HH22 sing N N 37  
ARG OXT HXT  sing N N 38  
ASN N   CA   sing N N 39  
ASN N   H    sing N N 40  
ASN N   H2   sing N N 41  
ASN CA  C    sing N N 42  
ASN CA  CB   sing N N 43  
ASN CA  HA   sing N N 44  
ASN C   O    doub N N 45  
ASN C   OXT  sing N N 46  
ASN CB  CG   sing N N 47  
ASN CB  HB2  sing N N 48  
ASN CB  HB3  sing N N 49  
ASN CG  OD1  doub N N 50  
ASN CG  ND2  sing N N 51  
ASN ND2 HD21 sing N N 52  
ASN ND2 HD22 sing N N 53  
ASN OXT HXT  sing N N 54  
ASP N   CA   sing N N 55  
ASP N   H    sing N N 56  
ASP N   H2   sing N N 57  
ASP CA  C    sing N N 58  
ASP CA  CB   sing N N 59  
ASP CA  HA   sing N N 60  
ASP C   O    doub N N 61  
ASP C   OXT  sing N N 62  
ASP CB  CG   sing N N 63  
ASP CB  HB2  sing N N 64  
ASP CB  HB3  sing N N 65  
ASP CG  OD1  doub N N 66  
ASP CG  OD2  sing N N 67  
ASP OD2 HD2  sing N N 68  
ASP OXT HXT  sing N N 69  
GLN N   CA   sing N N 70  
GLN N   H    sing N N 71  
GLN N   H2   sing N N 72  
GLN CA  C    sing N N 73  
GLN CA  CB   sing N N 74  
GLN CA  HA   sing N N 75  
GLN C   O    doub N N 76  
GLN C   OXT  sing N N 77  
GLN CB  CG   sing N N 78  
GLN CB  HB2  sing N N 79  
GLN CB  HB3  sing N N 80  
GLN CG  CD   sing N N 81  
GLN CG  HG2  sing N N 82  
GLN CG  HG3  sing N N 83  
GLN CD  OE1  doub N N 84  
GLN CD  NE2  sing N N 85  
GLN NE2 HE21 sing N N 86  
GLN NE2 HE22 sing N N 87  
GLN OXT HXT  sing N N 88  
GLU N   CA   sing N N 89  
GLU N   H    sing N N 90  
GLU N   H2   sing N N 91  
GLU CA  C    sing N N 92  
GLU CA  CB   sing N N 93  
GLU CA  HA   sing N N 94  
GLU C   O    doub N N 95  
GLU C   OXT  sing N N 96  
GLU CB  CG   sing N N 97  
GLU CB  HB2  sing N N 98  
GLU CB  HB3  sing N N 99  
GLU CG  CD   sing N N 100 
GLU CG  HG2  sing N N 101 
GLU CG  HG3  sing N N 102 
GLU CD  OE1  doub N N 103 
GLU CD  OE2  sing N N 104 
GLU OE2 HE2  sing N N 105 
GLU OXT HXT  sing N N 106 
GLY N   CA   sing N N 107 
GLY N   H    sing N N 108 
GLY N   H2   sing N N 109 
GLY CA  C    sing N N 110 
GLY CA  HA2  sing N N 111 
GLY CA  HA3  sing N N 112 
GLY C   O    doub N N 113 
GLY C   OXT  sing N N 114 
GLY OXT HXT  sing N N 115 
HIS N   CA   sing N N 116 
HIS N   H    sing N N 117 
HIS N   H2   sing N N 118 
HIS CA  C    sing N N 119 
HIS CA  CB   sing N N 120 
HIS CA  HA   sing N N 121 
HIS C   O    doub N N 122 
HIS C   OXT  sing N N 123 
HIS CB  CG   sing N N 124 
HIS CB  HB2  sing N N 125 
HIS CB  HB3  sing N N 126 
HIS CG  ND1  sing Y N 127 
HIS CG  CD2  doub Y N 128 
HIS ND1 CE1  doub Y N 129 
HIS ND1 HD1  sing N N 130 
HIS CD2 NE2  sing Y N 131 
HIS CD2 HD2  sing N N 132 
HIS CE1 NE2  sing Y N 133 
HIS CE1 HE1  sing N N 134 
HIS NE2 HE2  sing N N 135 
HIS OXT HXT  sing N N 136 
HOH O   H1   sing N N 137 
HOH O   H2   sing N N 138 
ILE N   CA   sing N N 139 
ILE N   H    sing N N 140 
ILE N   H2   sing N N 141 
ILE CA  C    sing N N 142 
ILE CA  CB   sing N N 143 
ILE CA  HA   sing N N 144 
ILE C   O    doub N N 145 
ILE C   OXT  sing N N 146 
ILE CB  CG1  sing N N 147 
ILE CB  CG2  sing N N 148 
ILE CB  HB   sing N N 149 
ILE CG1 CD1  sing N N 150 
ILE CG1 HG12 sing N N 151 
ILE CG1 HG13 sing N N 152 
ILE CG2 HG21 sing N N 153 
ILE CG2 HG22 sing N N 154 
ILE CG2 HG23 sing N N 155 
ILE CD1 HD11 sing N N 156 
ILE CD1 HD12 sing N N 157 
ILE CD1 HD13 sing N N 158 
ILE OXT HXT  sing N N 159 
LEU N   CA   sing N N 160 
LEU N   H    sing N N 161 
LEU N   H2   sing N N 162 
LEU CA  C    sing N N 163 
LEU CA  CB   sing N N 164 
LEU CA  HA   sing N N 165 
LEU C   O    doub N N 166 
LEU C   OXT  sing N N 167 
LEU CB  CG   sing N N 168 
LEU CB  HB2  sing N N 169 
LEU CB  HB3  sing N N 170 
LEU CG  CD1  sing N N 171 
LEU CG  CD2  sing N N 172 
LEU CG  HG   sing N N 173 
LEU CD1 HD11 sing N N 174 
LEU CD1 HD12 sing N N 175 
LEU CD1 HD13 sing N N 176 
LEU CD2 HD21 sing N N 177 
LEU CD2 HD22 sing N N 178 
LEU CD2 HD23 sing N N 179 
LEU OXT HXT  sing N N 180 
LYS N   CA   sing N N 181 
LYS N   H    sing N N 182 
LYS N   H2   sing N N 183 
LYS CA  C    sing N N 184 
LYS CA  CB   sing N N 185 
LYS CA  HA   sing N N 186 
LYS C   O    doub N N 187 
LYS C   OXT  sing N N 188 
LYS CB  CG   sing N N 189 
LYS CB  HB2  sing N N 190 
LYS CB  HB3  sing N N 191 
LYS CG  CD   sing N N 192 
LYS CG  HG2  sing N N 193 
LYS CG  HG3  sing N N 194 
LYS CD  CE   sing N N 195 
LYS CD  HD2  sing N N 196 
LYS CD  HD3  sing N N 197 
LYS CE  NZ   sing N N 198 
LYS CE  HE2  sing N N 199 
LYS CE  HE3  sing N N 200 
LYS NZ  HZ1  sing N N 201 
LYS NZ  HZ2  sing N N 202 
LYS NZ  HZ3  sing N N 203 
LYS OXT HXT  sing N N 204 
MET N   CA   sing N N 205 
MET N   H    sing N N 206 
MET N   H2   sing N N 207 
MET CA  C    sing N N 208 
MET CA  CB   sing N N 209 
MET CA  HA   sing N N 210 
MET C   O    doub N N 211 
MET C   OXT  sing N N 212 
MET CB  CG   sing N N 213 
MET CB  HB2  sing N N 214 
MET CB  HB3  sing N N 215 
MET CG  SD   sing N N 216 
MET CG  HG2  sing N N 217 
MET CG  HG3  sing N N 218 
MET SD  CE   sing N N 219 
MET CE  HE1  sing N N 220 
MET CE  HE2  sing N N 221 
MET CE  HE3  sing N N 222 
MET OXT HXT  sing N N 223 
PHE N   CA   sing N N 224 
PHE N   H    sing N N 225 
PHE N   H2   sing N N 226 
PHE CA  C    sing N N 227 
PHE CA  CB   sing N N 228 
PHE CA  HA   sing N N 229 
PHE C   O    doub N N 230 
PHE C   OXT  sing N N 231 
PHE CB  CG   sing N N 232 
PHE CB  HB2  sing N N 233 
PHE CB  HB3  sing N N 234 
PHE CG  CD1  doub Y N 235 
PHE CG  CD2  sing Y N 236 
PHE CD1 CE1  sing Y N 237 
PHE CD1 HD1  sing N N 238 
PHE CD2 CE2  doub Y N 239 
PHE CD2 HD2  sing N N 240 
PHE CE1 CZ   doub Y N 241 
PHE CE1 HE1  sing N N 242 
PHE CE2 CZ   sing Y N 243 
PHE CE2 HE2  sing N N 244 
PHE CZ  HZ   sing N N 245 
PHE OXT HXT  sing N N 246 
PRO N   CA   sing N N 247 
PRO N   CD   sing N N 248 
PRO N   H    sing N N 249 
PRO CA  C    sing N N 250 
PRO CA  CB   sing N N 251 
PRO CA  HA   sing N N 252 
PRO C   O    doub N N 253 
PRO C   OXT  sing N N 254 
PRO CB  CG   sing N N 255 
PRO CB  HB2  sing N N 256 
PRO CB  HB3  sing N N 257 
PRO CG  CD   sing N N 258 
PRO CG  HG2  sing N N 259 
PRO CG  HG3  sing N N 260 
PRO CD  HD2  sing N N 261 
PRO CD  HD3  sing N N 262 
PRO OXT HXT  sing N N 263 
SER N   CA   sing N N 264 
SER N   H    sing N N 265 
SER N   H2   sing N N 266 
SER CA  C    sing N N 267 
SER CA  CB   sing N N 268 
SER CA  HA   sing N N 269 
SER C   O    doub N N 270 
SER C   OXT  sing N N 271 
SER CB  OG   sing N N 272 
SER CB  HB2  sing N N 273 
SER CB  HB3  sing N N 274 
SER OG  HG   sing N N 275 
SER OXT HXT  sing N N 276 
THR N   CA   sing N N 277 
THR N   H    sing N N 278 
THR N   H2   sing N N 279 
THR CA  C    sing N N 280 
THR CA  CB   sing N N 281 
THR CA  HA   sing N N 282 
THR C   O    doub N N 283 
THR C   OXT  sing N N 284 
THR CB  OG1  sing N N 285 
THR CB  CG2  sing N N 286 
THR CB  HB   sing N N 287 
THR OG1 HG1  sing N N 288 
THR CG2 HG21 sing N N 289 
THR CG2 HG22 sing N N 290 
THR CG2 HG23 sing N N 291 
THR OXT HXT  sing N N 292 
TRP N   CA   sing N N 293 
TRP N   H    sing N N 294 
TRP N   H2   sing N N 295 
TRP CA  C    sing N N 296 
TRP CA  CB   sing N N 297 
TRP CA  HA   sing N N 298 
TRP C   O    doub N N 299 
TRP C   OXT  sing N N 300 
TRP CB  CG   sing N N 301 
TRP CB  HB2  sing N N 302 
TRP CB  HB3  sing N N 303 
TRP CG  CD1  doub Y N 304 
TRP CG  CD2  sing Y N 305 
TRP CD1 NE1  sing Y N 306 
TRP CD1 HD1  sing N N 307 
TRP CD2 CE2  doub Y N 308 
TRP CD2 CE3  sing Y N 309 
TRP NE1 CE2  sing Y N 310 
TRP NE1 HE1  sing N N 311 
TRP CE2 CZ2  sing Y N 312 
TRP CE3 CZ3  doub Y N 313 
TRP CE3 HE3  sing N N 314 
TRP CZ2 CH2  doub Y N 315 
TRP CZ2 HZ2  sing N N 316 
TRP CZ3 CH2  sing Y N 317 
TRP CZ3 HZ3  sing N N 318 
TRP CH2 HH2  sing N N 319 
TRP OXT HXT  sing N N 320 
TYR N   CA   sing N N 321 
TYR N   H    sing N N 322 
TYR N   H2   sing N N 323 
TYR CA  C    sing N N 324 
TYR CA  CB   sing N N 325 
TYR CA  HA   sing N N 326 
TYR C   O    doub N N 327 
TYR C   OXT  sing N N 328 
TYR CB  CG   sing N N 329 
TYR CB  HB2  sing N N 330 
TYR CB  HB3  sing N N 331 
TYR CG  CD1  doub Y N 332 
TYR CG  CD2  sing Y N 333 
TYR CD1 CE1  sing Y N 334 
TYR CD1 HD1  sing N N 335 
TYR CD2 CE2  doub Y N 336 
TYR CD2 HD2  sing N N 337 
TYR CE1 CZ   doub Y N 338 
TYR CE1 HE1  sing N N 339 
TYR CE2 CZ   sing Y N 340 
TYR CE2 HE2  sing N N 341 
TYR CZ  OH   sing N N 342 
TYR OH  HH   sing N N 343 
TYR OXT HXT  sing N N 344 
VAL N   CA   sing N N 345 
VAL N   H    sing N N 346 
VAL N   H2   sing N N 347 
VAL CA  C    sing N N 348 
VAL CA  CB   sing N N 349 
VAL CA  HA   sing N N 350 
VAL C   O    doub N N 351 
VAL C   OXT  sing N N 352 
VAL CB  CG1  sing N N 353 
VAL CB  CG2  sing N N 354 
VAL CB  HB   sing N N 355 
VAL CG1 HG11 sing N N 356 
VAL CG1 HG12 sing N N 357 
VAL CG1 HG13 sing N N 358 
VAL CG2 HG21 sing N N 359 
VAL CG2 HG22 sing N N 360 
VAL CG2 HG23 sing N N 361 
VAL OXT HXT  sing N N 362 
# 
_atom_sites.entry_id                    1F0M 
_atom_sites.fract_transf_matrix[1][1]   0.00348308 
_atom_sites.fract_transf_matrix[1][2]   0.00148991 
_atom_sites.fract_transf_matrix[1][3]   -0.01783816 
_atom_sites.fract_transf_matrix[2][1]   -0.00595989 
_atom_sites.fract_transf_matrix[2][2]   -0.01703934 
_atom_sites.fract_transf_matrix[2][3]   -0.00258691 
_atom_sites.fract_transf_matrix[3][1]   -0.01412165 
_atom_sites.fract_transf_matrix[3][2]   0.00529090 
_atom_sites.fract_transf_matrix[3][3]   -0.00231548 
_atom_sites.fract_transf_vector[1]      0.071620 
_atom_sites.fract_transf_vector[2]      0.762058 
_atom_sites.fract_transf_vector[3]      0.414105 
# 
loop_
_atom_type.symbol 
C 
N 
O 
S 
# 
loop_
_atom_site.group_PDB 
_atom_site.id 
_atom_site.type_symbol 
_atom_site.label_atom_id 
_atom_site.label_alt_id 
_atom_site.label_comp_id 
_atom_site.label_asym_id 
_atom_site.label_entity_id 
_atom_site.label_seq_id 
_atom_site.pdbx_PDB_ins_code 
_atom_site.Cartn_x 
_atom_site.Cartn_y 
_atom_site.Cartn_z 
_atom_site.occupancy 
_atom_site.B_iso_or_equiv 
_atom_site.pdbx_formal_charge 
_atom_site.auth_seq_id 
_atom_site.auth_comp_id 
_atom_site.auth_asym_id 
_atom_site.auth_atom_id 
_atom_site.pdbx_PDB_model_num 
ATOM   1   N N   . TYR A 1 8  ? -5.703  -11.968 -3.318  1.00 100.38 ? 8   TYR A N   1 
ATOM   2   C CA  . TYR A 1 8  ? -5.070  -11.165 -2.234  1.00 99.33  ? 8   TYR A CA  1 
ATOM   3   C C   . TYR A 1 8  ? -3.760  -10.623 -2.783  1.00 99.64  ? 8   TYR A C   1 
ATOM   4   O O   . TYR A 1 8  ? -3.543  -9.477  -3.217  1.00 100.25 ? 8   TYR A O   1 
ATOM   5   C CB  . TYR A 1 8  ? -4.706  -12.110 -1.070  1.00 99.30  ? 8   TYR A CB  1 
ATOM   6   C CG  . TYR A 1 8  ? -5.889  -12.993 -0.647  1.00 100.38 ? 8   TYR A CG  1 
ATOM   7   C CD1 . TYR A 1 8  ? -7.167  -12.421 -0.492  1.00 100.38 ? 8   TYR A CD1 1 
ATOM   8   C CD2 . TYR A 1 8  ? -5.767  -14.379 -0.417  1.00 100.38 ? 8   TYR A CD2 1 
ATOM   9   C CE1 . TYR A 1 8  ? -8.294  -13.210 -0.120  1.00 100.38 ? 8   TYR A CE1 1 
ATOM   10  C CE2 . TYR A 1 8  ? -6.905  -15.168 -0.039  1.00 100.38 ? 8   TYR A CE2 1 
ATOM   11  C CZ  . TYR A 1 8  ? -8.155  -14.569 0.103   1.00 100.38 ? 8   TYR A CZ  1 
ATOM   12  O OH  . TYR A 1 8  ? -9.280  -15.287 0.452   1.00 100.38 ? 8   TYR A OH  1 
ATOM   13  N N   . THR A 1 9  ? -2.896  -11.628 -2.665  1.00 94.59  ? 9   THR A N   1 
ATOM   14  C CA  . THR A 1 9  ? -1.501  -11.629 -2.973  1.00 87.36  ? 9   THR A CA  1 
ATOM   15  C C   . THR A 1 9  ? -1.232  -12.112 -4.390  1.00 87.26  ? 9   THR A C   1 
ATOM   16  O O   . THR A 1 9  ? -0.422  -13.015 -4.615  1.00 80.52  ? 9   THR A O   1 
ATOM   17  C CB  . THR A 1 9  ? -0.879  -12.647 -2.081  1.00 84.66  ? 9   THR A CB  1 
ATOM   18  O OG1 . THR A 1 9  ? -1.107  -13.896 -2.717  1.00 77.55  ? 9   THR A OG1 1 
ATOM   19  C CG2 . THR A 1 9  ? -1.605  -12.708 -0.760  1.00 79.63  ? 9   THR A CG2 1 
ATOM   20  N N   . SER A 1 10 ? -1.899  -11.519 -5.358  1.00 88.28  ? 10  SER A N   1 
ATOM   21  C CA  . SER A 1 10 ? -1.685  -11.965 -6.715  1.00 91.58  ? 10  SER A CA  1 
ATOM   22  C C   . SER A 1 10 ? -0.444  -11.231 -7.179  1.00 92.29  ? 10  SER A C   1 
ATOM   23  O O   . SER A 1 10 ? -0.066  -11.255 -8.355  1.00 93.53  ? 10  SER A O   1 
ATOM   24  C CB  . SER A 1 10 ? -2.887  -11.558 -7.560  1.00 91.90  ? 10  SER A CB  1 
ATOM   25  O OG  . SER A 1 10 ? -4.078  -11.558 -6.781  1.00 94.27  ? 10  SER A OG  1 
ATOM   26  N N   . PHE A 1 11 ? 0.172   -10.574 -6.203  1.00 90.14  ? 11  PHE A N   1 
ATOM   27  C CA  . PHE A 1 11 ? 1.341   -9.765  -6.414  1.00 88.66  ? 11  PHE A CA  1 
ATOM   28  C C   . PHE A 1 11 ? 2.462   -10.219 -5.552  1.00 86.79  ? 11  PHE A C   1 
ATOM   29  O O   . PHE A 1 11 ? 2.422   -10.128 -4.321  1.00 84.88  ? 11  PHE A O   1 
ATOM   30  C CB  . PHE A 1 11 ? 1.042   -8.314  -6.086  1.00 89.74  ? 11  PHE A CB  1 
ATOM   31  C CG  . PHE A 1 11 ? -0.394  -7.982  -6.163  1.00 90.83  ? 11  PHE A CG  1 
ATOM   32  C CD1 . PHE A 1 11 ? -1.283  -8.426  -5.191  1.00 91.09  ? 11  PHE A CD1 1 
ATOM   33  C CD2 . PHE A 1 11 ? -0.881  -7.310  -7.257  1.00 90.16  ? 11  PHE A CD2 1 
ATOM   34  C CE1 . PHE A 1 11 ? -2.642  -8.189  -5.325  1.00 88.56  ? 11  PHE A CE1 1 
ATOM   35  C CE2 . PHE A 1 11 ? -2.220  -7.078  -7.388  1.00 87.81  ? 11  PHE A CE2 1 
ATOM   36  C CZ  . PHE A 1 11 ? -3.109  -7.519  -6.431  1.00 83.76  ? 11  PHE A CZ  1 
ATOM   37  N N   . ASN A 1 12 ? 3.484   -10.699 -6.222  1.00 85.17  ? 12  ASN A N   1 
ATOM   38  C CA  . ASN A 1 12 ? 4.667   -11.144 -5.544  1.00 81.22  ? 12  ASN A CA  1 
ATOM   39  C C   . ASN A 1 12 ? 5.287   -9.830  -5.029  1.00 75.49  ? 12  ASN A C   1 
ATOM   40  O O   . ASN A 1 12 ? 6.100   -9.802  -4.138  1.00 74.76  ? 12  ASN A O   1 
ATOM   41  C CB  . ASN A 1 12 ? 5.537   -11.825 -6.597  1.00 80.33  ? 12  ASN A CB  1 
ATOM   42  C CG  . ASN A 1 12 ? 4.704   -12.600 -7.630  1.00 79.64  ? 12  ASN A CG  1 
ATOM   43  O OD1 . ASN A 1 12 ? 3.650   -13.145 -7.289  1.00 83.15  ? 12  ASN A OD1 1 
ATOM   44  N ND2 . ASN A 1 12 ? 5.181   -12.671 -8.876  1.00 78.56  ? 12  ASN A ND2 1 
ATOM   45  N N   . THR A 1 13 ? 4.810   -8.712  -5.565  1.00 71.29  ? 13  THR A N   1 
ATOM   46  C CA  . THR A 1 13 ? 5.416   -7.432  -5.179  1.00 63.61  ? 13  THR A CA  1 
ATOM   47  C C   . THR A 1 13 ? 4.546   -6.210  -4.868  1.00 57.71  ? 13  THR A C   1 
ATOM   48  O O   . THR A 1 13 ? 3.404   -6.192  -5.333  1.00 55.84  ? 13  THR A O   1 
ATOM   49  C CB  . THR A 1 13 ? 6.362   -6.949  -6.249  1.00 60.88  ? 13  THR A CB  1 
ATOM   50  O OG1 . THR A 1 13 ? 5.652   -6.414  -7.352  1.00 67.19  ? 13  THR A OG1 1 
ATOM   51  C CG2 . THR A 1 13 ? 7.177   -8.124  -6.760  1.00 65.63  ? 13  THR A CG2 1 
ATOM   52  N N   . VAL A 1 14 ? 5.083   -5.219  -4.143  1.00 56.72  ? 14  VAL A N   1 
ATOM   53  C CA  . VAL A 1 14 ? 4.360   -3.954  -3.880  1.00 49.56  ? 14  VAL A CA  1 
ATOM   54  C C   . VAL A 1 14 ? 4.024   -3.190  -5.173  1.00 49.49  ? 14  VAL A C   1 
ATOM   55  O O   . VAL A 1 14 ? 2.909   -2.678  -5.316  1.00 47.47  ? 14  VAL A O   1 
ATOM   56  C CB  . VAL A 1 14 ? 5.199   -3.041  -2.955  1.00 47.36  ? 14  VAL A CB  1 
ATOM   57  C CG1 . VAL A 1 14 ? 4.573   -1.673  -2.838  1.00 37.46  ? 14  VAL A CG1 1 
ATOM   58  C CG2 . VAL A 1 14 ? 5.254   -3.698  -1.598  1.00 38.40  ? 14  VAL A CG2 1 
ATOM   59  N N   . ASP A 1 15 ? 4.941   -3.092  -6.135  1.00 44.93  ? 15  ASP A N   1 
ATOM   60  C CA  . ASP A 1 15 ? 4.613   -2.409  -7.397  1.00 51.01  ? 15  ASP A CA  1 
ATOM   61  C C   . ASP A 1 15 ? 3.405   -3.028  -8.091  1.00 52.08  ? 15  ASP A C   1 
ATOM   62  O O   . ASP A 1 15 ? 2.570   -2.308  -8.647  1.00 58.79  ? 15  ASP A O   1 
ATOM   63  C CB  . ASP A 1 15 ? 5.798   -2.450  -8.360  1.00 52.65  ? 15  ASP A CB  1 
ATOM   64  C CG  . ASP A 1 15 ? 6.814   -1.389  -8.057  1.00 59.69  ? 15  ASP A CG  1 
ATOM   65  O OD1 . ASP A 1 15 ? 7.766   -1.239  -8.843  1.00 64.42  ? 15  ASP A OD1 1 
ATOM   66  O OD2 . ASP A 1 15 ? 6.658   -0.703  -7.029  1.00 62.21  ? 15  ASP A OD2 1 
ATOM   67  N N   . GLU A 1 16 ? 3.308   -4.352  -8.056  1.00 53.25  ? 16  GLU A N   1 
ATOM   68  C CA  . GLU A 1 16 ? 2.181   -5.063  -8.670  1.00 56.87  ? 16  GLU A CA  1 
ATOM   69  C C   . GLU A 1 16 ? 0.908   -4.650  -7.968  1.00 53.55  ? 16  GLU A C   1 
ATOM   70  O O   . GLU A 1 16 ? -0.092  -4.262  -8.594  1.00 49.45  ? 16  GLU A O   1 
ATOM   71  C CB  . GLU A 1 16 ? 2.348   -6.573  -8.505  1.00 60.24  ? 16  GLU A CB  1 
ATOM   72  C CG  . GLU A 1 16 ? 3.374   -7.237  -9.387  1.00 73.20  ? 16  GLU A CG  1 
ATOM   73  C CD  . GLU A 1 16 ? 3.482   -8.708  -9.073  1.00 79.31  ? 16  GLU A CD  1 
ATOM   74  O OE1 . GLU A 1 16 ? 3.825   -9.047  -7.919  1.00 92.21  ? 16  GLU A OE1 1 
ATOM   75  O OE2 . GLU A 1 16 ? 3.210   -9.520  -9.972  1.00 83.10  ? 16  GLU A OE2 1 
ATOM   76  N N   . TRP A 1 17 ? 0.932   -4.736  -6.652  1.00 55.03  ? 17  TRP A N   1 
ATOM   77  C CA  . TRP A 1 17 ? -0.215  -4.368  -5.864  1.00 47.83  ? 17  TRP A CA  1 
ATOM   78  C C   . TRP A 1 17 ? -0.691  -2.948  -6.145  1.00 43.22  ? 17  TRP A C   1 
ATOM   79  O O   . TRP A 1 17 ? -1.879  -2.713  -6.340  1.00 50.66  ? 17  TRP A O   1 
ATOM   80  C CB  . TRP A 1 17 ? 0.174   -4.515  -4.413  1.00 50.64  ? 17  TRP A CB  1 
ATOM   81  C CG  . TRP A 1 17 ? -0.772  -3.910  -3.442  1.00 54.24  ? 17  TRP A CG  1 
ATOM   82  C CD1 . TRP A 1 17 ? -2.053  -4.308  -3.207  1.00 57.76  ? 17  TRP A CD1 1 
ATOM   83  C CD2 . TRP A 1 17 ? -0.577  -2.709  -2.680  1.00 57.70  ? 17  TRP A CD2 1 
ATOM   84  N NE1 . TRP A 1 17 ? -2.674  -3.426  -2.353  1.00 56.03  ? 17  TRP A NE1 1 
ATOM   85  C CE2 . TRP A 1 17 ? -1.791  -2.442  -2.008  1.00 57.24  ? 17  TRP A CE2 1 
ATOM   86  C CE3 . TRP A 1 17 ? 0.508   -1.848  -2.481  1.00 56.11  ? 17  TRP A CE3 1 
ATOM   87  C CZ2 . TRP A 1 17 ? -1.964  -1.325  -1.191  1.00 57.95  ? 17  TRP A CZ2 1 
ATOM   88  C CZ3 . TRP A 1 17 ? 0.335   -0.732  -1.659  1.00 53.87  ? 17  TRP A CZ3 1 
ATOM   89  C CH2 . TRP A 1 17 ? -0.892  -0.492  -1.013  1.00 48.64  ? 17  TRP A CH2 1 
ATOM   90  N N   . LEU A 1 18 ? 0.244   -2.008  -6.147  1.00 47.78  ? 18  LEU A N   1 
ATOM   91  C CA  . LEU A 1 18 ? -0.132  -0.630  -6.407  1.00 49.43  ? 18  LEU A CA  1 
ATOM   92  C C   . LEU A 1 18 ? -0.766  -0.576  -7.781  1.00 54.92  ? 18  LEU A C   1 
ATOM   93  O O   . LEU A 1 18 ? -1.705  0.174   -8.003  1.00 54.98  ? 18  LEU A O   1 
ATOM   94  C CB  . LEU A 1 18 ? 1.087   0.291   -6.374  1.00 50.92  ? 18  LEU A CB  1 
ATOM   95  C CG  . LEU A 1 18 ? 1.724   0.589   -5.019  1.00 48.79  ? 18  LEU A CG  1 
ATOM   96  C CD1 . LEU A 1 18 ? 2.871   1.550   -5.188  1.00 45.94  ? 18  LEU A CD1 1 
ATOM   97  C CD2 . LEU A 1 18 ? 0.674   1.178   -4.117  1.00 49.26  ? 18  LEU A CD2 1 
ATOM   98  N N   . GLU A 1 19 ? -0.232  -1.390  -8.689  1.00 57.45  ? 19  GLU A N   1 
ATOM   99  C CA  . GLU A 1 19 ? -0.722  -1.481  -10.057 1.00 58.24  ? 19  GLU A CA  1 
ATOM   100 C C   . GLU A 1 19 ? -2.127  -2.091  -10.059 1.00 53.14  ? 19  GLU A C   1 
ATOM   101 O O   . GLU A 1 19 ? -3.052  -1.614  -10.717 1.00 53.27  ? 19  GLU A O   1 
ATOM   102 C CB  . GLU A 1 19 ? 0.224   -2.349  -10.899 1.00 68.48  ? 19  GLU A CB  1 
ATOM   103 C CG  . GLU A 1 19 ? 0.596   -1.735  -12.247 1.00 82.25  ? 19  GLU A CG  1 
ATOM   104 C CD  . GLU A 1 19 ? 1.344   -0.426  -12.081 1.00 91.02  ? 19  GLU A CD  1 
ATOM   105 O OE1 . GLU A 1 19 ? 2.517   -0.488  -11.668 1.00 93.50  ? 19  GLU A OE1 1 
ATOM   106 O OE2 . GLU A 1 19 ? 0.759   0.651   -12.343 1.00 97.06  ? 19  GLU A OE2 1 
ATOM   107 N N   . ALA A 1 20 ? -2.300  -3.158  -9.304  1.00 51.25  ? 20  ALA A N   1 
ATOM   108 C CA  . ALA A 1 20 ? -3.603  -3.803  -9.243  1.00 54.16  ? 20  ALA A CA  1 
ATOM   109 C C   . ALA A 1 20 ? -4.713  -2.866  -8.805  1.00 54.21  ? 20  ALA A C   1 
ATOM   110 O O   . ALA A 1 20 ? -5.829  -2.943  -9.317  1.00 52.52  ? 20  ALA A O   1 
ATOM   111 C CB  . ALA A 1 20 ? -3.554  -4.932  -8.316  1.00 54.37  ? 20  ALA A CB  1 
ATOM   112 N N   . ILE A 1 21 ? -4.413  -2.004  -7.835  1.00 54.80  ? 21  ILE A N   1 
ATOM   113 C CA  . ILE A 1 21 ? -5.405  -1.066  -7.343  1.00 49.96  ? 21  ILE A CA  1 
ATOM   114 C C   . ILE A 1 21 ? -5.303  0.232   -8.112  1.00 53.85  ? 21  ILE A C   1 
ATOM   115 O O   . ILE A 1 21 ? -5.746  1.280   -7.657  1.00 55.13  ? 21  ILE A O   1 
ATOM   116 C CB  . ILE A 1 21 ? -5.251  -0.799  -5.827  1.00 52.53  ? 21  ILE A CB  1 
ATOM   117 C CG1 . ILE A 1 21 ? -3.992  0.015   -5.543  1.00 44.96  ? 21  ILE A CG1 1 
ATOM   118 C CG2 . ILE A 1 21 ? -5.185  -2.121  -5.078  1.00 48.53  ? 21  ILE A CG2 1 
ATOM   119 C CD1 . ILE A 1 21 ? -3.830  0.358   -4.076  1.00 46.25  ? 21  ILE A CD1 1 
ATOM   120 N N   . LYS A 1 22 ? -4.709  0.144   -9.294  1.00 57.10  ? 22  LYS A N   1 
ATOM   121 C CA  . LYS A 1 22 ? -4.578  1.288   -10.183 1.00 59.86  ? 22  LYS A CA  1 
ATOM   122 C C   . LYS A 1 22 ? -3.853  2.486   -9.578  1.00 58.92  ? 22  LYS A C   1 
ATOM   123 O O   . LYS A 1 22 ? -4.054  3.619   -10.010 1.00 62.05  ? 22  LYS A O   1 
ATOM   124 C CB  . LYS A 1 22 ? -5.965  1.721   -10.650 1.00 68.09  ? 22  LYS A CB  1 
ATOM   125 C CG  . LYS A 1 22 ? -6.923  0.570   -10.873 1.00 73.48  ? 22  LYS A CG  1 
ATOM   126 C CD  . LYS A 1 22 ? -8.230  1.077   -11.438 1.00 82.85  ? 22  LYS A CD  1 
ATOM   127 C CE  . LYS A 1 22 ? -8.036  1.550   -12.869 1.00 87.45  ? 22  LYS A CE  1 
ATOM   128 N NZ  . LYS A 1 22 ? -9.266  2.189   -13.420 1.00 87.89  ? 22  LYS A NZ  1 
ATOM   129 N N   . MET A 1 23 ? -3.006  2.236   -8.586  1.00 57.29  ? 23  MET A N   1 
ATOM   130 C CA  . MET A 1 23 ? -2.243  3.300   -7.933  1.00 52.62  ? 23  MET A CA  1 
ATOM   131 C C   . MET A 1 23 ? -0.758  3.236   -8.312  1.00 51.99  ? 23  MET A C   1 
ATOM   132 O O   . MET A 1 23 ? 0.095   3.766   -7.605  1.00 50.11  ? 23  MET A O   1 
ATOM   133 C CB  . MET A 1 23 ? -2.388  3.194   -6.411  1.00 50.55  ? 23  MET A CB  1 
ATOM   134 C CG  . MET A 1 23 ? -3.777  3.499   -5.868  1.00 53.80  ? 23  MET A CG  1 
ATOM   135 S SD  . MET A 1 23 ? -4.210  5.251   -5.967  1.00 43.06  ? 23  MET A SD  1 
ATOM   136 C CE  . MET A 1 23 ? -5.747  5.196   -6.851  1.00 45.85  ? 23  MET A CE  1 
ATOM   137 N N   . GLY A 1 24 ? -0.457  2.587   -9.431  1.00 54.03  ? 24  GLY A N   1 
ATOM   138 C CA  . GLY A 1 24 ? 0.923   2.464   -9.873  1.00 55.58  ? 24  GLY A CA  1 
ATOM   139 C C   . GLY A 1 24 ? 1.729   3.755   -9.905  1.00 50.26  ? 24  GLY A C   1 
ATOM   140 O O   . GLY A 1 24 ? 2.946   3.742   -9.716  1.00 54.53  ? 24  GLY A O   1 
ATOM   141 N N   . GLN A 1 25 ? 1.060   4.877   -10.139 1.00 47.99  ? 25  GLN A N   1 
ATOM   142 C CA  . GLN A 1 25 ? 1.736   6.174   -10.192 1.00 43.15  ? 25  GLN A CA  1 
ATOM   143 C C   . GLN A 1 25 ? 2.567   6.474   -8.944  1.00 49.07  ? 25  GLN A C   1 
ATOM   144 O O   . GLN A 1 25 ? 3.406   7.372   -8.944  1.00 52.02  ? 25  GLN A O   1 
ATOM   145 C CB  . GLN A 1 25 ? 0.704   7.273   -10.364 1.00 50.51  ? 25  GLN A CB  1 
ATOM   146 C CG  . GLN A 1 25 ? -0.403  7.214   -9.324  1.00 62.23  ? 25  GLN A CG  1 
ATOM   147 C CD  . GLN A 1 25 ? -1.763  6.866   -9.914  1.00 71.63  ? 25  GLN A CD  1 
ATOM   148 O OE1 . GLN A 1 25 ? -2.436  7.711   -10.509 1.00 79.79  ? 25  GLN A OE1 1 
ATOM   149 N NE2 . GLN A 1 25 ? -2.171  5.610   -9.754  1.00 69.20  ? 25  GLN A NE2 1 
ATOM   150 N N   . TYR A 1 26 ? 2.339   5.711   -7.881  1.00 49.28  ? 26  TYR A N   1 
ATOM   151 C CA  . TYR A 1 26 ? 3.058   5.927   -6.627  1.00 48.17  ? 26  TYR A CA  1 
ATOM   152 C C   . TYR A 1 26 ? 4.229   4.990   -6.333  1.00 45.41  ? 26  TYR A C   1 
ATOM   153 O O   . TYR A 1 26 ? 4.984   5.225   -5.396  1.00 44.25  ? 26  TYR A O   1 
ATOM   154 C CB  . TYR A 1 26 ? 2.064   5.879   -5.457  1.00 41.82  ? 26  TYR A CB  1 
ATOM   155 C CG  . TYR A 1 26 ? 0.995   6.956   -5.535  1.00 41.11  ? 26  TYR A CG  1 
ATOM   156 C CD1 . TYR A 1 26 ? -0.344  6.626   -5.701  1.00 30.69  ? 26  TYR A CD1 1 
ATOM   157 C CD2 . TYR A 1 26 ? 1.334   8.314   -5.486  1.00 37.79  ? 26  TYR A CD2 1 
ATOM   158 C CE1 . TYR A 1 26 ? -1.322  7.612   -5.822  1.00 41.96  ? 26  TYR A CE1 1 
ATOM   159 C CE2 . TYR A 1 26 ? 0.369   9.305   -5.605  1.00 44.01  ? 26  TYR A CE2 1 
ATOM   160 C CZ  . TYR A 1 26 ? -0.963  8.953   -5.776  1.00 41.29  ? 26  TYR A CZ  1 
ATOM   161 O OH  . TYR A 1 26 ? -1.930  9.923   -5.903  1.00 44.99  ? 26  TYR A OH  1 
ATOM   162 N N   . LYS A 1 27 ? 4.392   3.938   -7.129  1.00 50.14  ? 27  LYS A N   1 
ATOM   163 C CA  . LYS A 1 27 ? 5.480   2.986   -6.911  1.00 46.56  ? 27  LYS A CA  1 
ATOM   164 C C   . LYS A 1 27 ? 6.784   3.692   -6.619  1.00 47.60  ? 27  LYS A C   1 
ATOM   165 O O   . LYS A 1 27 ? 7.480   3.368   -5.654  1.00 49.91  ? 27  LYS A O   1 
ATOM   166 C CB  . LYS A 1 27 ? 5.634   2.081   -8.127  1.00 52.26  ? 27  LYS A CB  1 
ATOM   167 C CG  . LYS A 1 27 ? 4.420   1.200   -8.349  1.00 62.54  ? 27  LYS A CG  1 
ATOM   168 C CD  . LYS A 1 27 ? 4.502   0.419   -9.647  1.00 70.48  ? 27  LYS A CD  1 
ATOM   169 C CE  . LYS A 1 27 ? 4.720   1.364   -10.826 1.00 71.87  ? 27  LYS A CE  1 
ATOM   170 N NZ  . LYS A 1 27 ? 4.409   0.738   -12.135 1.00 69.87  ? 27  LYS A NZ  1 
ATOM   171 N N   . GLU A 1 28 ? 7.100   4.672   -7.448  1.00 55.37  ? 28  GLU A N   1 
ATOM   172 C CA  . GLU A 1 28 ? 8.316   5.439   -7.278  1.00 62.60  ? 28  GLU A CA  1 
ATOM   173 C C   . GLU A 1 28 ? 8.390   5.999   -5.849  1.00 62.67  ? 28  GLU A C   1 
ATOM   174 O O   . GLU A 1 28 ? 9.410   5.870   -5.169  1.00 64.08  ? 28  GLU A O   1 
ATOM   175 C CB  . GLU A 1 28 ? 8.335   6.561   -8.317  1.00 74.64  ? 28  GLU A CB  1 
ATOM   176 C CG  . GLU A 1 28 ? 9.605   7.396   -8.366  1.00 80.20  ? 28  GLU A CG  1 
ATOM   177 C CD  . GLU A 1 28 ? 9.698   8.230   -9.642  1.00 89.49  ? 28  GLU A CD  1 
ATOM   178 O OE1 . GLU A 1 28 ? 8.804   9.071   -9.884  1.00 90.32  ? 28  GLU A OE1 1 
ATOM   179 O OE2 . GLU A 1 28 ? 10.671  8.039   -10.405 1.00 92.88  ? 28  GLU A OE2 1 
ATOM   180 N N   . SER A 1 29 ? 7.288   6.586   -5.390  1.00 63.15  ? 29  SER A N   1 
ATOM   181 C CA  . SER A 1 29 ? 7.201   7.187   -4.057  1.00 54.63  ? 29  SER A CA  1 
ATOM   182 C C   . SER A 1 29 ? 7.346   6.167   -2.942  1.00 46.57  ? 29  SER A C   1 
ATOM   183 O O   . SER A 1 29 ? 8.102   6.368   -1.996  1.00 47.18  ? 29  SER A O   1 
ATOM   184 C CB  . SER A 1 29 ? 5.856   7.894   -3.891  1.00 60.67  ? 29  SER A CB  1 
ATOM   185 O OG  . SER A 1 29 ? 5.510   8.639   -5.049  1.00 67.36  ? 29  SER A OG  1 
ATOM   186 N N   . PHE A 1 30 ? 6.584   5.085   -3.046  1.00 45.04  ? 30  PHE A N   1 
ATOM   187 C CA  . PHE A 1 30 ? 6.613   4.006   -2.058  1.00 55.10  ? 30  PHE A CA  1 
ATOM   188 C C   . PHE A 1 30 ? 8.009   3.397   -1.908  1.00 52.54  ? 30  PHE A C   1 
ATOM   189 O O   . PHE A 1 30 ? 8.516   3.253   -0.790  1.00 55.59  ? 30  PHE A O   1 
ATOM   190 C CB  . PHE A 1 30 ? 5.651   2.871   -2.450  1.00 44.73  ? 30  PHE A CB  1 
ATOM   191 C CG  . PHE A 1 30 ? 4.283   2.982   -1.835  1.00 42.49  ? 30  PHE A CG  1 
ATOM   192 C CD1 . PHE A 1 30 ? 3.394   3.965   -2.249  1.00 38.00  ? 30  PHE A CD1 1 
ATOM   193 C CD2 . PHE A 1 30 ? 3.866   2.059   -0.874  1.00 35.97  ? 30  PHE A CD2 1 
ATOM   194 C CE1 . PHE A 1 30 ? 2.112   4.039   -1.707  1.00 40.97  ? 30  PHE A CE1 1 
ATOM   195 C CE2 . PHE A 1 30 ? 2.600   2.120   -0.323  1.00 39.32  ? 30  PHE A CE2 1 
ATOM   196 C CZ  . PHE A 1 30 ? 1.708   3.112   -0.748  1.00 45.28  ? 30  PHE A CZ  1 
ATOM   197 N N   . ALA A 1 31 ? 8.602   3.012   -3.037  1.00 55.04  ? 31  ALA A N   1 
ATOM   198 C CA  . ALA A 1 31 ? 9.933   2.407   -3.038  1.00 55.50  ? 31  ALA A CA  1 
ATOM   199 C C   . ALA A 1 31 ? 10.935  3.303   -2.333  1.00 54.10  ? 31  ALA A C   1 
ATOM   200 O O   . ALA A 1 31 ? 11.564  2.905   -1.353  1.00 51.71  ? 31  ALA A O   1 
ATOM   201 C CB  . ALA A 1 31 ? 10.393  2.143   -4.465  1.00 54.49  ? 31  ALA A CB  1 
ATOM   202 N N   . ASN A 1 32 ? 11.057  4.526   -2.830  1.00 51.00  ? 32  ASN A N   1 
ATOM   203 C CA  . ASN A 1 32 ? 11.984  5.499   -2.277  1.00 54.11  ? 32  ASN A CA  1 
ATOM   204 C C   . ASN A 1 32 ? 11.769  5.864   -0.808  1.00 57.88  ? 32  ASN A C   1 
ATOM   205 O O   . ASN A 1 32 ? 12.529  6.655   -0.248  1.00 56.09  ? 32  ASN A O   1 
ATOM   206 C CB  . ASN A 1 32 ? 11.946  6.754   -3.142  1.00 58.86  ? 32  ASN A CB  1 
ATOM   207 C CG  . ASN A 1 32 ? 12.238  6.450   -4.603  1.00 71.99  ? 32  ASN A CG  1 
ATOM   208 O OD1 . ASN A 1 32 ? 12.000  7.276   -5.479  1.00 82.58  ? 32  ASN A OD1 1 
ATOM   209 N ND2 . ASN A 1 32 ? 12.761  5.252   -4.869  1.00 75.12  ? 32  ASN A ND2 1 
ATOM   210 N N   . ALA A 1 33 ? 10.747  5.279   -0.186  1.00 56.77  ? 33  ALA A N   1 
ATOM   211 C CA  . ALA A 1 33 ? 10.446  5.544   1.218   1.00 51.31  ? 33  ALA A CA  1 
ATOM   212 C C   . ALA A 1 33 ? 10.613  4.289   2.088   1.00 52.30  ? 33  ALA A C   1 
ATOM   213 O O   . ALA A 1 33 ? 10.306  4.308   3.281   1.00 50.33  ? 33  ALA A O   1 
ATOM   214 C CB  . ALA A 1 33 ? 9.023   6.091   1.350   1.00 51.03  ? 33  ALA A CB  1 
ATOM   215 N N   . GLY A 1 34 ? 11.079  3.196   1.485   1.00 46.57  ? 34  GLY A N   1 
ATOM   216 C CA  . GLY A 1 34 ? 11.288  1.974   2.246   1.00 44.77  ? 34  GLY A CA  1 
ATOM   217 C C   . GLY A 1 34 ? 10.103  1.025   2.380   1.00 46.22  ? 34  GLY A C   1 
ATOM   218 O O   . GLY A 1 34 ? 10.197  -0.021  3.027   1.00 44.67  ? 34  GLY A O   1 
ATOM   219 N N   . PHE A 1 35 ? 8.978   1.382   1.777   1.00 43.65  ? 35  PHE A N   1 
ATOM   220 C CA  . PHE A 1 35 ? 7.802   0.528   1.837   1.00 41.72  ? 35  PHE A CA  1 
ATOM   221 C C   . PHE A 1 35 ? 7.909   -0.410  0.635   1.00 42.88  ? 35  PHE A C   1 
ATOM   222 O O   . PHE A 1 35 ? 7.183   -0.288  -0.345  1.00 39.26  ? 35  PHE A O   1 
ATOM   223 C CB  . PHE A 1 35 ? 6.544   1.407   1.819   1.00 39.72  ? 35  PHE A CB  1 
ATOM   224 C CG  . PHE A 1 35 ? 6.477   2.363   2.988   1.00 40.91  ? 35  PHE A CG  1 
ATOM   225 C CD1 . PHE A 1 35 ? 6.597   3.734   2.804   1.00 43.58  ? 35  PHE A CD1 1 
ATOM   226 C CD2 . PHE A 1 35 ? 6.347   1.880   4.286   1.00 50.66  ? 35  PHE A CD2 1 
ATOM   227 C CE1 . PHE A 1 35 ? 6.589   4.607   3.905   1.00 43.64  ? 35  PHE A CE1 1 
ATOM   228 C CE2 . PHE A 1 35 ? 6.340   2.742   5.377   1.00 48.01  ? 35  PHE A CE2 1 
ATOM   229 C CZ  . PHE A 1 35 ? 6.462   4.106   5.183   1.00 39.27  ? 35  PHE A CZ  1 
ATOM   230 N N   . THR A 1 36 ? 8.813   -1.368  0.765   1.00 45.05  ? 36  THR A N   1 
ATOM   231 C CA  . THR A 1 36 ? 9.143   -2.326  -0.276  1.00 46.17  ? 36  THR A CA  1 
ATOM   232 C C   . THR A 1 36 ? 8.652   -3.755  -0.123  1.00 41.94  ? 36  THR A C   1 
ATOM   233 O O   . THR A 1 36 ? 9.013   -4.619  -0.931  1.00 51.17  ? 36  THR A O   1 
ATOM   234 C CB  . THR A 1 36 ? 10.631  -2.391  -0.407  1.00 41.01  ? 36  THR A CB  1 
ATOM   235 O OG1 . THR A 1 36 ? 11.167  -2.601  0.904   1.00 38.49  ? 36  THR A OG1 1 
ATOM   236 C CG2 . THR A 1 36 ? 11.167  -1.094  -0.962  1.00 40.45  ? 36  THR A CG2 1 
ATOM   237 N N   . SER A 1 37 ? 7.873   -4.026  0.911   1.00 48.51  ? 37  SER A N   1 
ATOM   238 C CA  . SER A 1 37 ? 7.339   -5.373  1.083   1.00 50.65  ? 37  SER A CA  1 
ATOM   239 C C   . SER A 1 37 ? 5.928   -5.183  1.596   1.00 54.68  ? 37  SER A C   1 
ATOM   240 O O   . SER A 1 37 ? 5.559   -4.071  1.975   1.00 58.20  ? 37  SER A O   1 
ATOM   241 C CB  . SER A 1 37 ? 8.163   -6.131  2.099   1.00 51.96  ? 37  SER A CB  1 
ATOM   242 O OG  . SER A 1 37 ? 8.182   -5.421  3.322   1.00 52.92  ? 37  SER A OG  1 
ATOM   243 N N   . PHE A 1 38 ? 5.140   -6.252  1.620   1.00 54.45  ? 38  PHE A N   1 
ATOM   244 C CA  . PHE A 1 38 ? 3.781   -6.112  2.102   1.00 47.85  ? 38  PHE A CA  1 
ATOM   245 C C   . PHE A 1 38 ? 3.786   -6.083  3.603   1.00 49.85  ? 38  PHE A C   1 
ATOM   246 O O   . PHE A 1 38 ? 2.880   -5.561  4.234   1.00 51.78  ? 38  PHE A O   1 
ATOM   247 C CB  . PHE A 1 38 ? 2.907   -7.240  1.587   1.00 43.64  ? 38  PHE A CB  1 
ATOM   248 C CG  . PHE A 1 38 ? 2.727   -7.210  0.100   1.00 45.92  ? 38  PHE A CG  1 
ATOM   249 C CD1 . PHE A 1 38 ? 3.401   -8.111  -0.705  1.00 42.97  ? 38  PHE A CD1 1 
ATOM   250 C CD2 . PHE A 1 38 ? 1.948   -6.225  -0.500  1.00 41.68  ? 38  PHE A CD2 1 
ATOM   251 C CE1 . PHE A 1 38 ? 3.304   -8.043  -2.092  1.00 47.93  ? 38  PHE A CE1 1 
ATOM   252 C CE2 . PHE A 1 38 ? 1.838   -6.146  -1.887  1.00 45.72  ? 38  PHE A CE2 1 
ATOM   253 C CZ  . PHE A 1 38 ? 2.526   -7.063  -2.687  1.00 37.83  ? 38  PHE A CZ  1 
ATOM   254 N N   . ASP A 1 39 ? 4.831   -6.640  4.182   1.00 53.67  ? 39  ASP A N   1 
ATOM   255 C CA  . ASP A 1 39 ? 4.945   -6.673  5.619   1.00 51.23  ? 39  ASP A CA  1 
ATOM   256 C C   . ASP A 1 39 ? 4.865   -5.260  6.170   1.00 47.38  ? 39  ASP A C   1 
ATOM   257 O O   . ASP A 1 39 ? 4.021   -4.960  7.004   1.00 49.86  ? 39  ASP A O   1 
ATOM   258 C CB  . ASP A 1 39 ? 6.266   -7.310  6.016   1.00 66.02  ? 39  ASP A CB  1 
ATOM   259 C CG  . ASP A 1 39 ? 6.176   -8.014  7.337   1.00 72.94  ? 39  ASP A CG  1 
ATOM   260 O OD1 . ASP A 1 39 ? 5.199   -8.768  7.533   1.00 83.48  ? 39  ASP A OD1 1 
ATOM   261 O OD2 . ASP A 1 39 ? 7.078   -7.817  8.172   1.00 81.11  ? 39  ASP A OD2 1 
ATOM   262 N N   . VAL A 1 40 ? 5.746   -4.388  5.702   1.00 46.54  ? 40  VAL A N   1 
ATOM   263 C CA  . VAL A 1 40 ? 5.746   -3.011  6.161   1.00 45.75  ? 40  VAL A CA  1 
ATOM   264 C C   . VAL A 1 40 ? 4.557   -2.211  5.606   1.00 42.88  ? 40  VAL A C   1 
ATOM   265 O O   . VAL A 1 40 ? 3.906   -1.487  6.345   1.00 39.94  ? 40  VAL A O   1 
ATOM   266 C CB  . VAL A 1 40 ? 7.066   -2.310  5.789   1.00 47.10  ? 40  VAL A CB  1 
ATOM   267 C CG1 . VAL A 1 40 ? 7.249   -2.303  4.286   1.00 51.67  ? 40  VAL A CG1 1 
ATOM   268 C CG2 . VAL A 1 40 ? 7.074   -0.910  6.343   1.00 40.46  ? 40  VAL A CG2 1 
ATOM   269 N N   . VAL A 1 41 ? 4.273   -2.356  4.312   1.00 43.01  ? 41  VAL A N   1 
ATOM   270 C CA  . VAL A 1 41 ? 3.160   -1.649  3.668   1.00 38.88  ? 41  VAL A CA  1 
ATOM   271 C C   . VAL A 1 41 ? 1.851   -1.829  4.425   1.00 39.22  ? 41  VAL A C   1 
ATOM   272 O O   . VAL A 1 41 ? 1.105   -0.873  4.634   1.00 42.06  ? 41  VAL A O   1 
ATOM   273 C CB  . VAL A 1 41 ? 2.944   -2.145  2.204   1.00 40.64  ? 41  VAL A CB  1 
ATOM   274 C CG1 . VAL A 1 41 ? 1.551   -1.752  1.689   1.00 33.66  ? 41  VAL A CG1 1 
ATOM   275 C CG2 . VAL A 1 41 ? 3.992   -1.544  1.297   1.00 41.38  ? 41  VAL A CG2 1 
ATOM   276 N N   . SER A 1 42 ? 1.581   -3.065  4.828   1.00 35.15  ? 42  SER A N   1 
ATOM   277 C CA  . SER A 1 42 ? 0.357   -3.395  5.554   1.00 37.99  ? 42  SER A CA  1 
ATOM   278 C C   . SER A 1 42 ? 0.268   -2.728  6.918   1.00 41.50  ? 42  SER A C   1 
ATOM   279 O O   . SER A 1 42 ? -0.785  -2.742  7.570   1.00 44.78  ? 42  SER A O   1 
ATOM   280 C CB  . SER A 1 42 ? 0.251   -4.905  5.730   1.00 37.23  ? 42  SER A CB  1 
ATOM   281 O OG  . SER A 1 42 ? 1.292   -5.386  6.558   1.00 36.26  ? 42  SER A OG  1 
ATOM   282 N N   . GLN A 1 43 ? 1.375   -2.154  7.366   1.00 40.20  ? 43  GLN A N   1 
ATOM   283 C CA  . GLN A 1 43 ? 1.378   -1.486  8.656   1.00 40.37  ? 43  GLN A CA  1 
ATOM   284 C C   . GLN A 1 43 ? 1.262   0.017   8.441   1.00 40.97  ? 43  GLN A C   1 
ATOM   285 O O   . GLN A 1 43 ? 1.175   0.770   9.410   1.00 41.13  ? 43  GLN A O   1 
ATOM   286 C CB  . GLN A 1 43 ? 2.665   -1.801  9.442   1.00 44.93  ? 43  GLN A CB  1 
ATOM   287 C CG  . GLN A 1 43 ? 2.876   -3.276  9.793   1.00 47.83  ? 43  GLN A CG  1 
ATOM   288 C CD  . GLN A 1 43 ? 4.170   -3.519  10.579  1.00 52.20  ? 43  GLN A CD  1 
ATOM   289 O OE1 . GLN A 1 43 ? 4.231   -3.313  11.797  1.00 54.11  ? 43  GLN A OE1 1 
ATOM   290 N NE2 . GLN A 1 43 ? 5.216   -3.944  9.871   1.00 46.66  ? 43  GLN A NE2 1 
ATOM   291 N N   . MET A 1 44 ? 1.267   0.457   7.179   1.00 39.59  ? 44  MET A N   1 
ATOM   292 C CA  . MET A 1 44 ? 1.178   1.887   6.873   1.00 27.36  ? 44  MET A CA  1 
ATOM   293 C C   . MET A 1 44 ? -0.127  2.507   7.367   1.00 38.30  ? 44  MET A C   1 
ATOM   294 O O   . MET A 1 44 ? -1.202  1.894   7.298   1.00 32.54  ? 44  MET A O   1 
ATOM   295 C CB  . MET A 1 44 ? 1.313   2.131   5.375   1.00 36.74  ? 44  MET A CB  1 
ATOM   296 C CG  . MET A 1 44 ? 2.692   1.820   4.802   1.00 23.22  ? 44  MET A CG  1 
ATOM   297 S SD  . MET A 1 44 ? 2.717   2.058   3.023   1.00 42.57  ? 44  MET A SD  1 
ATOM   298 C CE  . MET A 1 44 ? 2.680   3.852   2.946   1.00 34.01  ? 44  MET A CE  1 
ATOM   299 N N   . MET A 1 45 ? -0.009  3.726   7.879   1.00 36.58  ? 45  MET A N   1 
ATOM   300 C CA  . MET A 1 45 ? -1.149  4.472   8.378   1.00 36.27  ? 45  MET A CA  1 
ATOM   301 C C   . MET A 1 45 ? -1.263  5.681   7.475   1.00 33.34  ? 45  MET A C   1 
ATOM   302 O O   . MET A 1 45 ? -0.400  5.912   6.627   1.00 36.81  ? 45  MET A O   1 
ATOM   303 C CB  . MET A 1 45 ? -0.906  4.937   9.812   1.00 42.42  ? 45  MET A CB  1 
ATOM   304 C CG  . MET A 1 45 ? -0.719  3.821   10.828  1.00 48.90  ? 45  MET A CG  1 
ATOM   305 S SD  . MET A 1 45 ? -2.056  2.630   10.774  1.00 58.72  ? 45  MET A SD  1 
ATOM   306 C CE  . MET A 1 45 ? -3.218  3.360   11.887  1.00 55.16  ? 45  MET A CE  1 
ATOM   307 N N   . MET A 1 46 ? -2.317  6.462   7.672   1.00 38.23  ? 46  MET A N   1 
ATOM   308 C CA  . MET A 1 46 ? -2.542  7.663   6.872   1.00 40.30  ? 46  MET A CA  1 
ATOM   309 C C   . MET A 1 46 ? -1.287  8.536   6.798   1.00 38.42  ? 46  MET A C   1 
ATOM   310 O O   . MET A 1 46 ? -0.903  8.995   5.731   1.00 36.22  ? 46  MET A O   1 
ATOM   311 C CB  . MET A 1 46 ? -3.702  8.452   7.476   1.00 49.35  ? 46  MET A CB  1 
ATOM   312 C CG  . MET A 1 46 ? -3.988  9.769   6.793   1.00 50.00  ? 46  MET A CG  1 
ATOM   313 S SD  . MET A 1 46 ? -4.028  9.686   4.971   1.00 67.53  ? 46  MET A SD  1 
ATOM   314 C CE  . MET A 1 46 ? -5.107  8.352   4.664   1.00 37.14  ? 46  MET A CE  1 
ATOM   315 N N   . GLU A 1 47 ? -0.651  8.748   7.952   1.00 33.89  ? 47  GLU A N   1 
ATOM   316 C CA  . GLU A 1 47 ? 0.577   9.549   8.056   1.00 43.19  ? 47  GLU A CA  1 
ATOM   317 C C   . GLU A 1 47 ? 1.608   9.136   7.003   1.00 39.91  ? 47  GLU A C   1 
ATOM   318 O O   . GLU A 1 47 ? 2.194   9.978   6.345   1.00 49.58  ? 47  GLU A O   1 
ATOM   319 C CB  . GLU A 1 47 ? 1.257   9.379   9.432   1.00 56.25  ? 47  GLU A CB  1 
ATOM   320 C CG  . GLU A 1 47 ? 0.410   9.607   10.658  1.00 75.02  ? 47  GLU A CG  1 
ATOM   321 C CD  . GLU A 1 47 ? -0.462  8.414   11.038  1.00 92.62  ? 47  GLU A CD  1 
ATOM   322 O OE1 . GLU A 1 47 ? -0.332  7.329   10.438  1.00 100.38 ? 47  GLU A OE1 1 
ATOM   323 O OE2 . GLU A 1 47 ? -1.283  8.565   11.965  1.00 100.34 ? 47  GLU A OE2 1 
ATOM   324 N N   . ASP A 1 48 ? 1.884   7.836   6.950   1.00 38.16  ? 48  ASP A N   1 
ATOM   325 C CA  . ASP A 1 48 ? 2.813   7.214   6.006   1.00 41.24  ? 48  ASP A CA  1 
ATOM   326 C C   . ASP A 1 48 ? 2.397   7.446   4.570   1.00 40.43  ? 48  ASP A C   1 
ATOM   327 O O   . ASP A 1 48 ? 3.232   7.731   3.710   1.00 49.31  ? 48  ASP A O   1 
ATOM   328 C CB  . ASP A 1 48 ? 2.878   5.714   6.286   1.00 28.28  ? 48  ASP A CB  1 
ATOM   329 C CG  . ASP A 1 48 ? 3.210   5.413   7.731   1.00 32.47  ? 48  ASP A CG  1 
ATOM   330 O OD1 . ASP A 1 48 ? 2.313   4.987   8.497   1.00 34.71  ? 48  ASP A OD1 1 
ATOM   331 O OD2 . ASP A 1 48 ? 4.383   5.615   8.094   1.00 36.54  ? 48  ASP A OD2 1 
ATOM   332 N N   . ILE A 1 49 ? 1.099   7.335   4.312   1.00 44.90  ? 49  ILE A N   1 
ATOM   333 C CA  . ILE A 1 49 ? 0.576   7.546   2.969   1.00 47.16  ? 49  ILE A CA  1 
ATOM   334 C C   . ILE A 1 49 ? 0.824   8.990   2.542   1.00 42.51  ? 49  ILE A C   1 
ATOM   335 O O   . ILE A 1 49 ? 1.197   9.260   1.407   1.00 39.34  ? 49  ILE A O   1 
ATOM   336 C CB  . ILE A 1 49 ? -0.926  7.143   2.914   1.00 41.90  ? 49  ILE A CB  1 
ATOM   337 C CG1 . ILE A 1 49 ? -1.017  5.620   3.063   1.00 44.07  ? 49  ILE A CG1 1 
ATOM   338 C CG2 . ILE A 1 49 ? -1.588  7.612   1.640   1.00 42.75  ? 49  ILE A CG2 1 
ATOM   339 C CD1 . ILE A 1 49 ? -2.420  5.079   3.305   1.00 38.79  ? 49  ILE A CD1 1 
ATOM   340 N N   . LEU A 1 50 ? 0.665   9.913   3.476   1.00 43.41  ? 50  LEU A N   1 
ATOM   341 C CA  . LEU A 1 50 ? 0.927   11.328  3.198   1.00 40.39  ? 50  LEU A CA  1 
ATOM   342 C C   . LEU A 1 50 ? 2.419   11.545  2.947   1.00 40.30  ? 50  LEU A C   1 
ATOM   343 O O   . LEU A 1 50 ? 2.815   12.292  2.049   1.00 43.63  ? 50  LEU A O   1 
ATOM   344 C CB  . LEU A 1 50 ? 0.548   12.205  4.396   1.00 44.40  ? 50  LEU A CB  1 
ATOM   345 C CG  . LEU A 1 50 ? -0.911  12.304  4.814   1.00 47.68  ? 50  LEU A CG  1 
ATOM   346 C CD1 . LEU A 1 50 ? -1.065  13.150  6.079   1.00 48.69  ? 50  LEU A CD1 1 
ATOM   347 C CD2 . LEU A 1 50 ? -1.684  12.912  3.674   1.00 49.16  ? 50  LEU A CD2 1 
ATOM   348 N N   . ARG A 1 51 ? 3.251   10.913  3.774   1.00 41.50  ? 51  ARG A N   1 
ATOM   349 C CA  . ARG A 1 51 ? 4.692   11.053  3.647   1.00 36.80  ? 51  ARG A CA  1 
ATOM   350 C C   . ARG A 1 51 ? 5.270   10.546  2.354   1.00 40.34  ? 51  ARG A C   1 
ATOM   351 O O   . ARG A 1 51 ? 6.154   11.189  1.802   1.00 49.64  ? 51  ARG A O   1 
ATOM   352 C CB  . ARG A 1 51 ? 5.413   10.377  4.787   1.00 37.30  ? 51  ARG A CB  1 
ATOM   353 C CG  . ARG A 1 51 ? 5.510   11.213  6.017   1.00 58.50  ? 51  ARG A CG  1 
ATOM   354 C CD  . ARG A 1 51 ? 6.443   10.568  7.003   1.00 61.27  ? 51  ARG A CD  1 
ATOM   355 N NE  . ARG A 1 51 ? 6.021   10.863  8.359   1.00 72.45  ? 51  ARG A NE  1 
ATOM   356 C CZ  . ARG A 1 51 ? 6.831   10.855  9.409   1.00 74.43  ? 51  ARG A CZ  1 
ATOM   357 N NH1 . ARG A 1 51 ? 8.118   10.573  9.249   1.00 76.78  ? 51  ARG A NH1 1 
ATOM   358 N NH2 . ARG A 1 51 ? 6.350   11.129  10.613  1.00 77.87  ? 51  ARG A NH2 1 
ATOM   359 N N   . VAL A 1 52 ? 4.815   9.383   1.891   1.00 46.69  ? 52  VAL A N   1 
ATOM   360 C CA  . VAL A 1 52 ? 5.269   8.848   0.613   1.00 44.90  ? 52  VAL A CA  1 
ATOM   361 C C   . VAL A 1 52 ? 4.746   9.849   -0.393  1.00 44.92  ? 52  VAL A C   1 
ATOM   362 O O   . VAL A 1 52 ? 5.021   9.764   -1.577  1.00 54.77  ? 52  VAL A O   1 
ATOM   363 C CB  . VAL A 1 52 ? 4.683   7.442   0.350   1.00 45.05  ? 52  VAL A CB  1 
ATOM   364 C CG1 . VAL A 1 52 ? 5.252   6.455   1.327   1.00 49.18  ? 52  VAL A CG1 1 
ATOM   365 C CG2 . VAL A 1 52 ? 3.165   7.470   0.484   1.00 50.67  ? 52  VAL A CG2 1 
ATOM   366 N N   . GLY A 1 53 ? 3.940   10.791  0.099   1.00 49.86  ? 53  GLY A N   1 
ATOM   367 C CA  . GLY A 1 53 ? 3.430   11.845  -0.777  1.00 39.85  ? 53  GLY A CA  1 
ATOM   368 C C   . GLY A 1 53 ? 2.069   11.715  -1.461  1.00 47.38  ? 53  GLY A C   1 
ATOM   369 O O   . GLY A 1 53 ? 1.788   12.427  -2.456  1.00 49.29  ? 53  GLY A O   1 
ATOM   370 N N   . VAL A 1 54 ? 1.200   10.836  -0.981  1.00 44.69  ? 54  VAL A N   1 
ATOM   371 C CA  . VAL A 1 54 ? -0.095  10.705  -1.599  1.00 43.98  ? 54  VAL A CA  1 
ATOM   372 C C   . VAL A 1 54 ? -0.928  11.874  -1.070  1.00 49.57  ? 54  VAL A C   1 
ATOM   373 O O   . VAL A 1 54 ? -1.265  11.914  0.119   1.00 46.63  ? 54  VAL A O   1 
ATOM   374 C CB  . VAL A 1 54 ? -0.765  9.376   -1.271  1.00 39.73  ? 54  VAL A CB  1 
ATOM   375 C CG1 . VAL A 1 54 ? -2.108  9.335   -1.954  1.00 34.95  ? 54  VAL A CG1 1 
ATOM   376 C CG2 . VAL A 1 54 ? 0.075   8.181   -1.755  1.00 38.34  ? 54  VAL A CG2 1 
ATOM   377 N N   . THR A 1 55 ? -1.247  12.835  -1.944  1.00 48.03  ? 55  THR A N   1 
ATOM   378 C CA  . THR A 1 55 ? -2.019  14.000  -1.515  1.00 50.62  ? 55  THR A CA  1 
ATOM   379 C C   . THR A 1 55 ? -3.497  14.097  -1.908  1.00 45.95  ? 55  THR A C   1 
ATOM   380 O O   . THR A 1 55 ? -4.248  14.921  -1.356  1.00 47.13  ? 55  THR A O   1 
ATOM   381 C CB  . THR A 1 55 ? -1.340  15.312  -1.948  1.00 56.58  ? 55  THR A CB  1 
ATOM   382 O OG1 . THR A 1 55 ? -1.318  15.406  -3.375  1.00 57.63  ? 55  THR A OG1 1 
ATOM   383 C CG2 . THR A 1 55 ? 0.074   15.375  -1.412  1.00 61.75  ? 55  THR A CG2 1 
ATOM   384 N N   . LEU A 1 56 ? -3.906  13.270  -2.864  1.00 44.60  ? 56  LEU A N   1 
ATOM   385 C CA  . LEU A 1 56 ? -5.298  13.241  -3.321  1.00 41.13  ? 56  LEU A CA  1 
ATOM   386 C C   . LEU A 1 56 ? -6.120  12.403  -2.352  1.00 39.30  ? 56  LEU A C   1 
ATOM   387 O O   . LEU A 1 56 ? -5.751  11.256  -2.067  1.00 42.81  ? 56  LEU A O   1 
ATOM   388 C CB  . LEU A 1 56 ? -5.395  12.612  -4.713  1.00 36.86  ? 56  LEU A CB  1 
ATOM   389 C CG  . LEU A 1 56 ? -5.352  13.480  -5.972  1.00 46.50  ? 56  LEU A CG  1 
ATOM   390 C CD1 . LEU A 1 56 ? -5.426  14.946  -5.627  1.00 41.01  ? 56  LEU A CD1 1 
ATOM   391 C CD2 . LEU A 1 56 ? -4.093  13.190  -6.716  1.00 37.47  ? 56  LEU A CD2 1 
ATOM   392 N N   . ALA A 1 57 ? -7.229  12.973  -1.878  1.00 37.63  ? 57  ALA A N   1 
ATOM   393 C CA  . ALA A 1 57 ? -8.120  12.320  -0.925  1.00 36.64  ? 57  ALA A CA  1 
ATOM   394 C C   . ALA A 1 57 ? -8.539  10.938  -1.375  1.00 34.82  ? 57  ALA A C   1 
ATOM   395 O O   . ALA A 1 57 ? -8.474  9.983   -0.613  1.00 42.92  ? 57  ALA A O   1 
ATOM   396 C CB  . ALA A 1 57 ? -9.410  13.186  -0.670  1.00 41.63  ? 57  ALA A CB  1 
ATOM   397 N N   . GLY A 1 58 ? -8.982  10.819  -2.616  1.00 37.86  ? 58  GLY A N   1 
ATOM   398 C CA  . GLY A 1 58 ? -9.448  9.524   -3.099  1.00 36.45  ? 58  GLY A CA  1 
ATOM   399 C C   . GLY A 1 58 ? -8.391  8.448   -3.095  1.00 35.79  ? 58  GLY A C   1 
ATOM   400 O O   . GLY A 1 58 ? -8.673  7.260   -2.853  1.00 41.60  ? 58  GLY A O   1 
ATOM   401 N N   . HIS A 1 59 ? -7.162  8.847   -3.397  1.00 36.63  ? 59  HIS A N   1 
ATOM   402 C CA  . HIS A 1 59 ? -6.048  7.897   -3.408  1.00 28.95  ? 59  HIS A CA  1 
ATOM   403 C C   . HIS A 1 59 ? -5.684  7.411   -2.028  1.00 36.83  ? 59  HIS A C   1 
ATOM   404 O O   . HIS A 1 59 ? -5.388  6.237   -1.862  1.00 34.47  ? 59  HIS A O   1 
ATOM   405 C CB  . HIS A 1 59 ? -4.852  8.530   -4.100  1.00 36.27  ? 59  HIS A CB  1 
ATOM   406 C CG  . HIS A 1 59 ? -5.110  8.855   -5.548  1.00 33.40  ? 59  HIS A CG  1 
ATOM   407 N ND1 . HIS A 1 59 ? -4.118  9.157   -6.441  1.00 49.60  ? 59  HIS A ND1 1 
ATOM   408 C CD2 . HIS A 1 59 ? -6.263  8.842   -6.264  1.00 39.61  ? 59  HIS A CD2 1 
ATOM   409 C CE1 . HIS A 1 59 ? -4.637  9.316   -7.639  1.00 43.87  ? 59  HIS A CE1 1 
ATOM   410 N NE2 . HIS A 1 59 ? -5.940  9.135   -7.566  1.00 37.89  ? 59  HIS A NE2 1 
ATOM   411 N N   . GLN A 1 60 ? -5.623  8.347   -1.087  1.00 35.46  ? 60  GLN A N   1 
ATOM   412 C CA  . GLN A 1 60 ? -5.295  8.077   0.303   1.00 40.32  ? 60  GLN A CA  1 
ATOM   413 C C   . GLN A 1 60 ? -6.279  7.014   0.790   1.00 35.29  ? 60  GLN A C   1 
ATOM   414 O O   . GLN A 1 60 ? -5.905  5.993   1.353   1.00 35.21  ? 60  GLN A O   1 
ATOM   415 C CB  . GLN A 1 60 ? -5.400  9.363   1.133   1.00 39.84  ? 60  GLN A CB  1 
ATOM   416 C CG  . GLN A 1 60 ? -4.571  10.508  0.567   1.00 42.31  ? 60  GLN A CG  1 
ATOM   417 C CD  . GLN A 1 60 ? -4.645  11.752  1.411   1.00 34.31  ? 60  GLN A CD  1 
ATOM   418 O OE1 . GLN A 1 60 ? -5.655  12.013  2.050   1.00 38.13  ? 60  GLN A OE1 1 
ATOM   419 N NE2 . GLN A 1 60 ? -3.581  12.536  1.408   1.00 47.29  ? 60  GLN A NE2 1 
ATOM   420 N N   . LYS A 1 61 ? -7.548  7.224   0.470   1.00 34.04  ? 61  LYS A N   1 
ATOM   421 C CA  . LYS A 1 61 ? -8.591  6.280   0.847   1.00 41.40  ? 61  LYS A CA  1 
ATOM   422 C C   . LYS A 1 61 ? -8.454  4.908   0.181   1.00 37.74  ? 61  LYS A C   1 
ATOM   423 O O   . LYS A 1 61 ? -8.360  3.882   0.859   1.00 41.21  ? 61  LYS A O   1 
ATOM   424 C CB  . LYS A 1 61 ? -9.972  6.866   0.525   1.00 47.73  ? 61  LYS A CB  1 
ATOM   425 C CG  . LYS A 1 61 ? -11.103 6.180   1.248   1.00 54.69  ? 61  LYS A CG  1 
ATOM   426 C CD  . LYS A 1 61 ? -12.434 6.668   0.726   1.00 63.66  ? 61  LYS A CD  1 
ATOM   427 C CE  . LYS A 1 61 ? -13.537 6.382   1.720   1.00 64.66  ? 61  LYS A CE  1 
ATOM   428 N NZ  . LYS A 1 61 ? -14.846 6.891   1.231   1.00 81.76  ? 61  LYS A NZ  1 
ATOM   429 N N   . LYS A 1 62 ? -8.462  4.892   -1.147  1.00 40.17  ? 62  LYS A N   1 
ATOM   430 C CA  . LYS A 1 62 ? -8.341  3.647   -1.881  1.00 41.83  ? 62  LYS A CA  1 
ATOM   431 C C   . LYS A 1 62 ? -7.177  2.831   -1.312  1.00 37.68  ? 62  LYS A C   1 
ATOM   432 O O   . LYS A 1 62 ? -7.299  1.636   -1.036  1.00 43.49  ? 62  LYS A O   1 
ATOM   433 C CB  . LYS A 1 62 ? -8.079  3.938   -3.358  1.00 40.60  ? 62  LYS A CB  1 
ATOM   434 C CG  . LYS A 1 62 ? -8.365  2.756   -4.300  1.00 44.60  ? 62  LYS A CG  1 
ATOM   435 C CD  . LYS A 1 62 ? -7.959  3.093   -5.736  1.00 50.77  ? 62  LYS A CD  1 
ATOM   436 C CE  . LYS A 1 62 ? -8.655  2.190   -6.771  1.00 54.73  ? 62  LYS A CE  1 
ATOM   437 N NZ  . LYS A 1 62 ? -8.547  0.727   -6.503  1.00 59.90  ? 62  LYS A NZ  1 
ATOM   438 N N   . ILE A 1 63 ? -6.050  3.499   -1.131  1.00 38.71  ? 63  ILE A N   1 
ATOM   439 C CA  . ILE A 1 63 ? -4.846  2.860   -0.629  1.00 35.99  ? 63  ILE A CA  1 
ATOM   440 C C   . ILE A 1 63 ? -4.975  2.373   0.787   1.00 33.90  ? 63  ILE A C   1 
ATOM   441 O O   . ILE A 1 63 ? -4.708  1.200   1.077   1.00 41.32  ? 63  ILE A O   1 
ATOM   442 C CB  . ILE A 1 63 ? -3.677  3.829   -0.724  1.00 38.44  ? 63  ILE A CB  1 
ATOM   443 C CG1 . ILE A 1 63 ? -3.292  3.993   -2.185  1.00 34.72  ? 63  ILE A CG1 1 
ATOM   444 C CG2 . ILE A 1 63 ? -2.499  3.319   0.093   1.00 37.01  ? 63  ILE A CG2 1 
ATOM   445 C CD1 . ILE A 1 63 ? -2.419  5.137   -2.437  1.00 38.28  ? 63  ILE A CD1 1 
ATOM   446 N N   . LEU A 1 64 ? -5.407  3.275   1.653   1.00 35.17  ? 64  LEU A N   1 
ATOM   447 C CA  . LEU A 1 64 ? -5.577  2.947   3.044   1.00 37.39  ? 64  LEU A CA  1 
ATOM   448 C C   . LEU A 1 64 ? -6.520  1.751   3.194   1.00 31.86  ? 64  LEU A C   1 
ATOM   449 O O   . LEU A 1 64 ? -6.239  0.830   3.948   1.00 33.81  ? 64  LEU A O   1 
ATOM   450 C CB  . LEU A 1 64 ? -6.131  4.154   3.791   1.00 46.20  ? 64  LEU A CB  1 
ATOM   451 C CG  . LEU A 1 64 ? -5.888  4.139   5.299   1.00 55.46  ? 64  LEU A CG  1 
ATOM   452 C CD1 . LEU A 1 64 ? -6.986  4.955   5.958   1.00 66.18  ? 64  LEU A CD1 1 
ATOM   453 C CD2 . LEU A 1 64 ? -5.869  2.713   5.862   1.00 63.65  ? 64  LEU A CD2 1 
ATOM   454 N N   . ASN A 1 65 ? -7.643  1.766   2.481   1.00 37.47  ? 65  ASN A N   1 
ATOM   455 C CA  . ASN A 1 65 ? -8.604  0.673   2.563   1.00 25.33  ? 65  ASN A CA  1 
ATOM   456 C C   . ASN A 1 65 ? -8.048  -0.637  2.025   1.00 34.28  ? 65  ASN A C   1 
ATOM   457 O O   . ASN A 1 65 ? -8.416  -1.703  2.497   1.00 37.76  ? 65  ASN A O   1 
ATOM   458 C CB  . ASN A 1 65 ? -9.872  1.021   1.793   1.00 28.68  ? 65  ASN A CB  1 
ATOM   459 C CG  . ASN A 1 65 ? -10.664 2.101   2.446   1.00 42.39  ? 65  ASN A CG  1 
ATOM   460 O OD1 . ASN A 1 65 ? -11.377 2.841   1.769   1.00 42.84  ? 65  ASN A OD1 1 
ATOM   461 N ND2 . ASN A 1 65 ? -10.569 2.199   3.769   1.00 47.18  ? 65  ASN A ND2 1 
ATOM   462 N N   . SER A 1 66 ? -7.179  -0.569  1.029   1.00 39.79  ? 66  SER A N   1 
ATOM   463 C CA  . SER A 1 66 ? -6.617  -1.796  0.493   1.00 42.46  ? 66  SER A CA  1 
ATOM   464 C C   . SER A 1 66 ? -5.694  -2.370  1.545   1.00 38.93  ? 66  SER A C   1 
ATOM   465 O O   . SER A 1 66 ? -5.698  -3.576  1.822   1.00 43.27  ? 66  SER A O   1 
ATOM   466 C CB  . SER A 1 66 ? -5.827  -1.515  -0.775  1.00 42.62  ? 66  SER A CB  1 
ATOM   467 O OG  . SER A 1 66 ? -5.376  -2.731  -1.343  1.00 50.90  ? 66  SER A OG  1 
ATOM   468 N N   . ILE A 1 67 ? -4.891  -1.481  2.108   1.00 30.61  ? 67  ILE A N   1 
ATOM   469 C CA  . ILE A 1 67 ? -3.946  -1.847  3.151   1.00 34.79  ? 67  ILE A CA  1 
ATOM   470 C C   . ILE A 1 67 ? -4.722  -2.478  4.292   1.00 36.78  ? 67  ILE A C   1 
ATOM   471 O O   . ILE A 1 67 ? -4.337  -3.519  4.823   1.00 39.47  ? 67  ILE A O   1 
ATOM   472 C CB  . ILE A 1 67 ? -3.183  -0.598  3.661   1.00 38.15  ? 67  ILE A CB  1 
ATOM   473 C CG1 . ILE A 1 67 ? -2.186  -0.162  2.588   1.00 36.21  ? 67  ILE A CG1 1 
ATOM   474 C CG2 . ILE A 1 67 ? -2.484  -0.879  4.991   1.00 27.19  ? 67  ILE A CG2 1 
ATOM   475 C CD1 . ILE A 1 67 ? -1.393  1.057   2.957   1.00 36.18  ? 67  ILE A CD1 1 
ATOM   476 N N   . GLN A 1 68 ? -5.840  -1.877  4.660   1.00 35.88  ? 68  GLN A N   1 
ATOM   477 C CA  . GLN A 1 68 ? -6.600  -2.452  5.757   1.00 40.23  ? 68  GLN A CA  1 
ATOM   478 C C   . GLN A 1 68 ? -7.097  -3.869  5.472   1.00 39.27  ? 68  GLN A C   1 
ATOM   479 O O   . GLN A 1 68 ? -7.153  -4.695  6.370   1.00 39.67  ? 68  GLN A O   1 
ATOM   480 C CB  . GLN A 1 68 ? -7.732  -1.513  6.147   1.00 41.85  ? 68  GLN A CB  1 
ATOM   481 C CG  . GLN A 1 68 ? -7.164  -0.276  6.847   1.00 56.83  ? 68  GLN A CG  1 
ATOM   482 C CD  . GLN A 1 68 ? -8.198  0.794   7.111   1.00 61.75  ? 68  GLN A CD  1 
ATOM   483 O OE1 . GLN A 1 68 ? -7.924  1.759   7.817   1.00 68.44  ? 68  GLN A OE1 1 
ATOM   484 N NE2 . GLN A 1 68 ? -9.392  0.635   6.539   1.00 69.61  ? 68  GLN A NE2 1 
ATOM   485 N N   . VAL A 1 69 ? -7.459  -4.159  4.229   1.00 38.00  ? 69  VAL A N   1 
ATOM   486 C CA  . VAL A 1 69 ? -7.896  -5.511  3.854   1.00 33.52  ? 69  VAL A CA  1 
ATOM   487 C C   . VAL A 1 69 ? -6.673  -6.467  3.876   1.00 30.57  ? 69  VAL A C   1 
ATOM   488 O O   . VAL A 1 69 ? -6.753  -7.625  4.323   1.00 41.51  ? 69  VAL A O   1 
ATOM   489 C CB  . VAL A 1 69 ? -8.517  -5.521  2.428   1.00 32.41  ? 69  VAL A CB  1 
ATOM   490 C CG1 . VAL A 1 69 ? -8.894  -6.946  2.038   1.00 39.70  ? 69  VAL A CG1 1 
ATOM   491 C CG2 . VAL A 1 69 ? -9.744  -4.634  2.376   1.00 25.93  ? 69  VAL A CG2 1 
ATOM   492 N N   . MET A 1 70 ? -5.550  -5.960  3.374   1.00 35.00  ? 70  MET A N   1 
ATOM   493 C CA  . MET A 1 70 ? -4.282  -6.687  3.299   1.00 34.33  ? 70  MET A CA  1 
ATOM   494 C C   . MET A 1 70 ? -3.867  -7.092  4.701   1.00 35.80  ? 70  MET A C   1 
ATOM   495 O O   . MET A 1 70 ? -3.592  -8.259  4.985   1.00 40.20  ? 70  MET A O   1 
ATOM   496 C CB  . MET A 1 70 ? -3.213  -5.773  2.681   1.00 29.27  ? 70  MET A CB  1 
ATOM   497 C CG  . MET A 1 70 ? -1.801  -6.333  2.650   1.00 31.85  ? 70  MET A CG  1 
ATOM   498 S SD  . MET A 1 70 ? -0.644  -5.006  2.183   1.00 39.41  ? 70  MET A SD  1 
ATOM   499 C CE  . MET A 1 70 ? -1.266  -4.611  0.554   1.00 39.79  ? 70  MET A CE  1 
ATOM   500 N N   . ARG A 1 71 ? -3.808  -6.104  5.575   1.00 34.77  ? 71  ARG A N   1 
ATOM   501 C CA  . ARG A 1 71 ? -3.429  -6.331  6.955   1.00 39.38  ? 71  ARG A CA  1 
ATOM   502 C C   . ARG A 1 71 ? -4.368  -7.287  7.684   1.00 34.66  ? 71  ARG A C   1 
ATOM   503 O O   . ARG A 1 71 ? -3.917  -8.169  8.408   1.00 39.64  ? 71  ARG A O   1 
ATOM   504 C CB  . ARG A 1 71 ? -3.382  -4.995  7.687   1.00 34.02  ? 71  ARG A CB  1 
ATOM   505 C CG  . ARG A 1 71 ? -3.536  -5.112  9.184   1.00 48.08  ? 71  ARG A CG  1 
ATOM   506 C CD  . ARG A 1 71 ? -2.505  -6.043  9.755   1.00 60.66  ? 71  ARG A CD  1 
ATOM   507 N NE  . ARG A 1 71 ? -1.140  -5.605  9.496   1.00 68.25  ? 71  ARG A NE  1 
ATOM   508 C CZ  . ARG A 1 71 ? -0.085  -6.410  9.545   1.00 75.85  ? 71  ARG A CZ  1 
ATOM   509 N NH1 . ARG A 1 71 ? -0.251  -7.693  9.846   1.00 76.90  ? 71  ARG A NH1 1 
ATOM   510 N NH2 . ARG A 1 71 ? 1.132   -5.934  9.322   1.00 76.91  ? 71  ARG A NH2 1 
ATOM   511 N N   . ALA A 1 72 ? -5.674  -7.123  7.515   1.00 39.11  ? 72  ALA A N   1 
ATOM   512 C CA  . ALA A 1 72 ? -6.600  -8.000  8.219   1.00 31.51  ? 72  ALA A CA  1 
ATOM   513 C C   . ALA A 1 72 ? -6.455  -9.434  7.717   1.00 32.55  ? 72  ALA A C   1 
ATOM   514 O O   . ALA A 1 72 ? -6.564  -10.386 8.479   1.00 35.36  ? 72  ALA A O   1 
ATOM   515 C CB  . ALA A 1 72 ? -8.023  -7.516  8.037   1.00 34.94  ? 72  ALA A CB  1 
ATOM   516 N N   . GLN A 1 73 ? -6.199  -9.583  6.429   1.00 34.30  ? 73  GLN A N   1 
ATOM   517 C CA  . GLN A 1 73 ? -6.051  -10.908 5.850   1.00 37.66  ? 73  GLN A CA  1 
ATOM   518 C C   . GLN A 1 73 ? -4.772  -11.564 6.350   1.00 43.64  ? 73  GLN A C   1 
ATOM   519 O O   . GLN A 1 73 ? -4.779  -12.749 6.708   1.00 41.19  ? 73  GLN A O   1 
ATOM   520 C CB  . GLN A 1 73 ? -6.027  -10.817 4.323   1.00 32.73  ? 73  GLN A CB  1 
ATOM   521 C CG  . GLN A 1 73 ? -7.384  -10.575 3.704   1.00 31.87  ? 73  GLN A CG  1 
ATOM   522 C CD  . GLN A 1 73 ? -7.351  -10.517 2.173   1.00 46.41  ? 73  GLN A CD  1 
ATOM   523 O OE1 . GLN A 1 73 ? -8.374  -10.723 1.519   1.00 55.03  ? 73  GLN A OE1 1 
ATOM   524 N NE2 . GLN A 1 73 ? -6.185  -10.221 1.604   1.00 54.64  ? 73  GLN A NE2 1 
ATOM   525 N N   . MET A 1 74 ? -3.674  -10.805 6.359   1.00 39.59  ? 74  MET A N   1 
ATOM   526 C CA  . MET A 1 74 ? -2.401  -11.338 6.831   1.00 39.74  ? 74  MET A CA  1 
ATOM   527 C C   . MET A 1 74 ? -2.634  -11.826 8.247   1.00 44.23  ? 74  MET A C   1 
ATOM   528 O O   . MET A 1 74 ? -2.187  -12.887 8.635   1.00 39.37  ? 74  MET A O   1 
ATOM   529 C CB  . MET A 1 74 ? -1.326  -10.257 6.842   1.00 43.38  ? 74  MET A CB  1 
ATOM   530 C CG  . MET A 1 74 ? -1.067  -9.671  5.469   1.00 50.14  ? 74  MET A CG  1 
ATOM   531 S SD  . MET A 1 74 ? 0.183   -8.423  5.538   1.00 51.66  ? 74  MET A SD  1 
ATOM   532 C CE  . MET A 1 74 ? 1.014   -8.655  3.969   1.00 44.41  ? 74  MET A CE  1 
ATOM   533 N N   . ASN A 1 75 ? -3.373  -11.041 9.017   1.00 45.44  ? 75  ASN A N   1 
ATOM   534 C CA  . ASN A 1 75 ? -3.627  -11.404 10.387  1.00 46.77  ? 75  ASN A CA  1 
ATOM   535 C C   . ASN A 1 75 ? -4.392  -12.726 10.606  1.00 52.26  ? 75  ASN A C   1 
ATOM   536 O O   . ASN A 1 75 ? -4.193  -13.349 11.639  1.00 57.44  ? 75  ASN A O   1 
ATOM   537 C CB  . ASN A 1 75 ? -4.310  -10.279 11.127  1.00 54.61  ? 75  ASN A CB  1 
ATOM   538 C CG  . ASN A 1 75 ? -3.352  -9.128  11.425  1.00 62.65  ? 75  ASN A CG  1 
ATOM   539 O OD1 . ASN A 1 75 ? -3.685  -8.152  12.120  1.00 62.00  ? 75  ASN A OD1 1 
ATOM   540 N ND2 . ASN A 1 75 ? -2.142  -9.243  10.893  1.00 59.32  ? 75  ASN A ND2 1 
ATOM   541 N N   . GLN A 1 76 ? -5.186  -13.145 9.619   1.00 56.86  ? 76  GLN A N   1 
ATOM   542 C CA  . GLN A 1 76 ? -5.953  -14.376 9.757   1.00 62.82  ? 76  GLN A CA  1 
ATOM   543 C C   . GLN A 1 76 ? -5.054  -15.549 9.711   1.00 69.02  ? 76  GLN A C   1 
ATOM   544 O O   . GLN A 1 76 ? -5.137  -16.380 10.615  1.00 76.13  ? 76  GLN A O   1 
ATOM   545 C CB  . GLN A 1 76 ? -6.998  -14.561 8.669   1.00 60.49  ? 76  GLN A CB  1 
ATOM   546 C CG  . GLN A 1 76 ? -8.176  -13.667 8.638   1.00 51.08  ? 76  GLN A CG  1 
ATOM   547 C CD  . GLN A 1 76 ? -9.158  -14.248 7.662   1.00 54.19  ? 76  GLN A CD  1 
ATOM   548 O OE1 . GLN A 1 76 ? -8.881  -14.353 6.451   1.00 40.88  ? 76  GLN A OE1 1 
ATOM   549 N NE2 . GLN A 1 76 ? -10.299 -14.669 8.176   1.00 40.95  ? 76  GLN A NE2 1 
ATOM   550 N N   . ILE A 1 77 ? -4.176  -15.604 8.692   1.00 72.12  ? 77  ILE A N   1 
ATOM   551 C CA  . ILE A 1 77 ? -3.084  -16.574 8.383   1.00 76.88  ? 77  ILE A CA  1 
ATOM   552 C C   . ILE A 1 77 ? -1.933  -16.107 9.307   1.00 80.26  ? 77  ILE A C   1 
ATOM   553 O O   . ILE A 1 77 ? -0.766  -16.050 8.854   1.00 82.88  ? 77  ILE A O   1 
ATOM   554 C CB  . ILE A 1 77 ? -2.214  -16.244 7.144   1.00 78.56  ? 77  ILE A CB  1 
ATOM   555 C CG1 . ILE A 1 77 ? -2.971  -15.678 5.978   1.00 78.72  ? 77  ILE A CG1 1 
ATOM   556 C CG2 . ILE A 1 77 ? -1.277  -17.351 6.898   1.00 74.94  ? 77  ILE A CG2 1 
ATOM   557 C CD1 . ILE A 1 77 ? -1.887  -15.069 5.048   1.00 78.50  ? 77  ILE A CD1 1 
ATOM   558 N N   . GLN A 1 78 ? -2.180  -15.780 10.548  1.00 85.84  ? 78  GLN A N   1 
ATOM   559 C CA  . GLN A 1 78 ? -1.057  -15.180 11.329  1.00 91.85  ? 78  GLN A CA  1 
ATOM   560 C C   . GLN A 1 78 ? 0.439   -15.246 10.921  1.00 96.85  ? 78  GLN A C   1 
ATOM   561 O O   . GLN A 1 78 ? 0.707   -14.532 9.932   1.00 100.35 ? 78  GLN A O   1 
ATOM   562 C CB  . GLN A 1 78 ? -1.252  -15.540 12.757  1.00 90.91  ? 78  GLN A CB  1 
ATOM   563 C CG  . GLN A 1 78 ? -2.688  -15.764 12.743  1.00 95.93  ? 78  GLN A CG  1 
ATOM   564 C CD  . GLN A 1 78 ? -3.282  -15.820 14.048  1.00 95.73  ? 78  GLN A CD  1 
ATOM   565 O OE1 . GLN A 1 78 ? -2.678  -16.320 14.986  1.00 95.03  ? 78  GLN A OE1 1 
ATOM   566 N NE2 . GLN A 1 78 ? -4.500  -15.326 14.150  1.00 94.97  ? 78  GLN A NE2 1 
HETATM 567 O O   . HOH B 2 .  ? -1.505  12.185  -4.869  1.00 38.50  ? 100 HOH A O   1 
HETATM 568 O O   . HOH B 2 .  ? 2.377   4.987   11.152  1.00 43.72  ? 101 HOH A O   1 
HETATM 569 O O   . HOH B 2 .  ? -10.673 -1.150  3.872   1.00 55.54  ? 102 HOH A O   1 
HETATM 570 O O   . HOH B 2 .  ? -2.410  -6.159  12.478  1.00 66.12  ? 104 HOH A O   1 
HETATM 571 O O   . HOH B 2 .  ? 2.487   9.321   13.887  1.00 60.82  ? 105 HOH A O   1 
HETATM 572 O O   . HOH B 2 .  ? -2.845  -0.269  8.518   1.00 49.78  ? 106 HOH A O   1 
HETATM 573 O O   . HOH B 2 .  ? -4.802  18.777  1.258   1.00 46.00  ? 108 HOH A O   1 
HETATM 574 O O   . HOH B 2 .  ? 8.481   0.022   -2.410  1.00 55.76  ? 109 HOH A O   1 
HETATM 575 O O   . HOH B 2 .  ? -6.345  16.047  -0.539  1.00 48.33  ? 110 HOH A O   1 
HETATM 576 O O   . HOH B 2 .  ? 6.628   0.858   -5.232  1.00 53.72  ? 111 HOH A O   1 
HETATM 577 O O   . HOH B 2 .  ? 2.439   4.017   -13.565 1.00 70.91  ? 112 HOH A O   1 
HETATM 578 O O   . HOH B 2 .  ? -8.728  11.310  -6.676  1.00 53.15  ? 113 HOH A O   1 
HETATM 579 O O   . HOH B 2 .  ? -11.810 1.862   -0.929  1.00 50.35  ? 114 HOH A O   1 
HETATM 580 O O   . HOH B 2 .  ? 6.470   -7.986  -0.133  1.00 60.26  ? 115 HOH A O   1 
HETATM 581 O O   . HOH B 2 .  ? -7.033  7.133   8.923   1.00 50.90  ? 116 HOH A O   1 
HETATM 582 O O   . HOH B 2 .  ? -9.198  0.267   -2.016  1.00 54.66  ? 117 HOH A O   1 
HETATM 583 O O   . HOH B 2 .  ? -3.641  16.014  1.850   1.00 52.38  ? 118 HOH A O   1 
HETATM 584 O O   . HOH B 2 .  ? 3.104   19.252  0.433   1.00 74.07  ? 119 HOH A O   1 
HETATM 585 O O   . HOH B 2 .  ? -10.113 8.249   -6.260  1.00 62.43  ? 121 HOH A O   1 
HETATM 586 O O   . HOH B 2 .  ? -9.161  -1.966  9.030   1.00 70.74  ? 122 HOH A O   1 
HETATM 587 O O   . HOH B 2 .  ? -14.777 7.646   -1.254  1.00 63.01  ? 123 HOH A O   1 
HETATM 588 O O   . HOH B 2 .  ? 8.167   -5.210  -3.316  1.00 52.18  ? 124 HOH A O   1 
HETATM 589 O O   . HOH B 2 .  ? 6.567   9.900   13.213  1.00 58.08  ? 125 HOH A O   1 
HETATM 590 O O   . HOH B 2 .  ? 2.418   -2.028  13.095  1.00 45.31  ? 126 HOH A O   1 
HETATM 591 O O   . HOH B 2 .  ? -13.320 10.025  -5.222  1.00 55.58  ? 127 HOH A O   1 
HETATM 592 O O   . HOH B 2 .  ? 6.657   14.408  10.153  1.00 74.58  ? 129 HOH A O   1 
HETATM 593 O O   . HOH B 2 .  ? -5.503  -2.195  9.834   1.00 69.24  ? 131 HOH A O   1 
HETATM 594 O O   . HOH B 2 .  ? 2.457   1.723   -13.293 1.00 77.96  ? 132 HOH A O   1 
HETATM 595 O O   . HOH B 2 .  ? 3.200   15.251  -3.330  1.00 48.48  ? 133 HOH A O   1 
HETATM 596 O O   . HOH B 2 .  ? -1.495  -17.677 -2.500  1.00 69.93  ? 135 HOH A O   1 
HETATM 597 O O   . HOH B 2 .  ? -7.917  -18.238 7.272   1.00 65.48  ? 138 HOH A O   1 
HETATM 598 O O   . HOH B 2 .  ? -10.876 6.086   -2.618  1.00 60.23  ? 139 HOH A O   1 
HETATM 599 O O   . HOH B 2 .  ? 8.578   -5.830  -9.087  1.00 62.66  ? 140 HOH A O   1 
HETATM 600 O O   . HOH B 2 .  ? 8.733   -10.216 4.259   1.00 74.04  ? 141 HOH A O   1 
HETATM 601 O O   . HOH B 2 .  ? -6.350  -1.092  -13.642 1.00 63.31  ? 142 HOH A O   1 
HETATM 602 O O   . HOH B 2 .  ? -7.651  -4.987  -2.101  1.00 58.70  ? 143 HOH A O   1 
HETATM 603 O O   . HOH B 2 .  ? -10.279 1.248   10.730  1.00 58.24  ? 144 HOH A O   1 
HETATM 604 O O   . HOH B 2 .  ? 2.020   -12.204 3.402   1.00 85.17  ? 145 HOH A O   1 
HETATM 605 O O   . HOH B 2 .  ? -1.527  2.621   -11.930 1.00 60.34  ? 146 HOH A O   1 
HETATM 606 O O   . HOH B 2 .  ? 9.747   -2.117  -4.218  1.00 55.14  ? 147 HOH A O   1 
HETATM 607 O O   . HOH B 2 .  ? -1.450  -6.582  14.594  1.00 54.73  ? 148 HOH A O   1 
HETATM 608 O O   . HOH B 2 .  ? 0.580   -13.371 7.678   1.00 66.21  ? 149 HOH A O   1 
HETATM 609 O O   . HOH B 2 .  ? 4.148   11.655  13.725  1.00 60.48  ? 152 HOH A O   1 
HETATM 610 O O   . HOH B 2 .  ? 2.688   12.452  7.909   1.00 45.23  ? 153 HOH A O   1 
HETATM 611 O O   . HOH B 2 .  ? 6.563   14.276  3.072   1.00 64.92  ? 154 HOH A O   1 
HETATM 612 O O   . HOH B 2 .  ? 0.693   -11.582 -12.137 1.00 64.45  ? 156 HOH A O   1 
HETATM 613 O O   . HOH B 2 .  ? -5.954  3.472   10.089  1.00 61.14  ? 157 HOH A O   1 
HETATM 614 O O   . HOH B 2 .  ? -7.571  -3.672  9.158   1.00 54.80  ? 159 HOH A O   1 
HETATM 615 O O   . HOH B 2 .  ? -1.449  11.478  9.741   1.00 76.07  ? 160 HOH A O   1 
HETATM 616 O O   . HOH B 2 .  ? 15.196  7.165   -1.649  1.00 64.63  ? 161 HOH A O   1 
HETATM 617 O O   . HOH B 2 .  ? -12.204 6.893   6.168   1.00 77.07  ? 165 HOH A O   1 
HETATM 618 O O   . HOH B 2 .  ? 9.528   7.396   -14.198 1.00 79.05  ? 166 HOH A O   1 
HETATM 619 O O   . HOH B 2 .  ? -4.798  12.839  8.019   1.00 84.20  ? 169 HOH A O   1 
HETATM 620 O O   . HOH B 2 .  ? -0.383  11.979  12.971  1.00 74.56  ? 170 HOH A O   1 
HETATM 621 O O   . HOH B 2 .  ? -8.378  -5.834  -9.311  1.00 80.37  ? 171 HOH A O   1 
HETATM 622 O O   . HOH B 2 .  ? 0.495   -18.810 12.685  1.00 61.65  ? 173 HOH A O   1 
HETATM 623 O O   . HOH B 2 .  ? 4.571   -10.392 3.965   1.00 78.10  ? 174 HOH A O   1 
HETATM 624 O O   . HOH B 2 .  ? 7.425   -2.419  -11.522 1.00 66.04  ? 176 HOH A O   1 
HETATM 625 O O   . HOH B 2 .  ? 4.156   -1.760  -15.788 1.00 66.78  ? 178 HOH A O   1 
HETATM 626 O O   . HOH B 2 .  ? -2.449  16.707  5.891   1.00 74.06  ? 179 HOH A O   1 
HETATM 627 O O   . HOH B 2 .  ? 16.316  6.233   -5.456  1.00 82.82  ? 180 HOH A O   1 
HETATM 628 O O   . HOH B 2 .  ? 3.890   8.346   -12.307 1.00 66.44  ? 181 HOH A O   1 
HETATM 629 O O   . HOH B 2 .  ? 1.782   -10.728 9.808   1.00 53.71  ? 182 HOH A O   1 
HETATM 630 O O   . HOH B 2 .  ? -6.266  0.305   10.787  1.00 63.69  ? 184 HOH A O   1 
HETATM 631 O O   . HOH B 2 .  ? 0.034   15.681  8.248   1.00 65.77  ? 187 HOH A O   1 
HETATM 632 O O   . HOH B 2 .  ? -1.408  9.653   -9.316  1.00 46.34  ? 200 HOH A O   1 
HETATM 633 O O   . HOH B 2 .  ? -5.762  -5.610  -0.337  1.00 43.50  ? 202 HOH A O   1 
HETATM 634 O O   . HOH B 2 .  ? -0.919  -9.494  0.728   1.00 58.00  ? 203 HOH A O   1 
HETATM 635 O O   . HOH B 2 .  ? -3.114  -2.443  8.888   1.00 66.98  ? 204 HOH A O   1 
HETATM 636 O O   . HOH B 2 .  ? -10.796 -18.909 5.628   1.00 63.11  ? 205 HOH A O   1 
HETATM 637 O O   . HOH B 2 .  ? -2.038  0.348   -11.398 1.00 60.82  ? 206 HOH A O   1 
HETATM 638 O O   . HOH B 2 .  ? -16.848 9.170   1.398   1.00 55.44  ? 207 HOH A O   1 
HETATM 639 O O   . HOH B 2 .  ? 6.723   -8.771  2.299   1.00 59.11  ? 208 HOH A O   1 
HETATM 640 O O   . HOH B 2 .  ? -4.761  19.603  3.552   1.00 62.10  ? 209 HOH A O   1 
HETATM 641 O O   . HOH B 2 .  ? 9.852   -0.305  -13.941 1.00 61.97  ? 210 HOH A O   1 
HETATM 642 O O   . HOH B 2 .  ? 10.878  -4.351  -4.629  1.00 65.85  ? 211 HOH A O   1 
HETATM 643 O O   . HOH B 2 .  ? 0.389   13.237  -5.983  1.00 58.64  ? 212 HOH A O   1 
HETATM 644 O O   . HOH B 2 .  ? 9.248   9.078   -0.615  1.00 59.50  ? 213 HOH A O   1 
HETATM 645 O O   . HOH B 2 .  ? -4.280  4.512   7.375   1.00 76.89  ? 214 HOH A O   1 
HETATM 646 O O   . HOH B 2 .  ? -1.718  -12.520 3.110   1.00 62.73  ? 215 HOH A O   1 
HETATM 647 O O   . HOH B 2 .  ? 7.003   -11.021 -8.563  1.00 100.20 ? 216 HOH A O   1 
HETATM 648 O O   . HOH B 2 .  ? 2.667   16.966  -1.198  1.00 62.13  ? 217 HOH A O   1 
HETATM 649 O O   . HOH B 2 .  ? -8.397  -10.028 -2.764  1.00 67.54  ? 218 HOH A O   1 
HETATM 650 O O   . HOH B 2 .  ? -12.739 7.387   -3.501  1.00 61.78  ? 219 HOH A O   1 
HETATM 651 O O   . HOH B 2 .  ? -11.281 -1.736  8.008   1.00 64.99  ? 220 HOH A O   1 
HETATM 652 O O   . HOH B 2 .  ? -4.488  2.160   14.898  1.00 63.43  ? 221 HOH A O   1 
HETATM 653 O O   . HOH B 2 .  ? -0.035  13.177  8.678   1.00 67.02  ? 222 HOH A O   1 
HETATM 654 O O   . HOH B 2 .  ? 4.003   -11.359 1.478   1.00 70.24  ? 223 HOH A O   1 
HETATM 655 O O   . HOH B 2 .  ? 3.927   -17.790 -1.564  1.00 65.00  ? 224 HOH A O   1 
HETATM 656 O O   . HOH B 2 .  ? 6.071   5.788   -10.497 1.00 70.57  ? 225 HOH A O   1 
HETATM 657 O O   . HOH B 2 .  ? 5.006   -12.178 10.016  1.00 78.90  ? 226 HOH A O   1 
HETATM 658 O O   . HOH B 2 .  ? -8.075  8.131   12.231  1.00 71.08  ? 227 HOH A O   1 
HETATM 659 O O   . HOH B 2 .  ? 1.230   -6.515  13.301  1.00 69.48  ? 228 HOH A O   1 
HETATM 660 O O   . HOH B 2 .  ? 3.463   11.666  11.218  1.00 63.17  ? 229 HOH A O   1 
HETATM 661 O O   . HOH B 2 .  ? -5.060  8.463   10.922  1.00 78.75  ? 230 HOH A O   1 
HETATM 662 O O   . HOH B 2 .  ? 1.603   0.784   -17.035 1.00 71.00  ? 231 HOH A O   1 
HETATM 663 O O   . HOH B 2 .  ? 15.813  8.256   1.093   1.00 71.02  ? 232 HOH A O   1 
HETATM 664 O O   . HOH B 2 .  ? 1.858   16.122  11.239  1.00 65.43  ? 233 HOH A O   1 
HETATM 665 O O   . HOH B 2 .  ? 3.199   -11.450 -1.249  1.00 62.26  ? 234 HOH A O   1 
HETATM 666 O O   . HOH B 2 .  ? 6.281   3.888   -12.911 1.00 69.78  ? 235 HOH A O   1 
HETATM 667 O O   . HOH B 2 .  ? 9.740   3.680   -8.710  1.00 80.21  ? 236 HOH A O   1 
HETATM 668 O O   . HOH B 2 .  ? 16.442  6.932   -8.009  1.00 55.53  ? 237 HOH A O   1 
HETATM 669 O O   . HOH B 2 .  ? -12.154 5.932   -6.089  1.00 61.70  ? 238 HOH A O   1 
HETATM 670 O O   . HOH B 2 .  ? 13.032  1.701   -6.541  1.00 72.71  ? 239 HOH A O   1 
HETATM 671 O O   . HOH B 2 .  ? 0.214   3.026   -16.084 1.00 73.14  ? 240 HOH A O   1 
HETATM 672 O O   . HOH B 2 .  ? -0.226  -18.898 10.338  1.00 70.73  ? 241 HOH A O   1 
HETATM 673 O O   . HOH B 2 .  ? -4.786  -4.728  12.291  1.00 64.93  ? 242 HOH A O   1 
HETATM 674 O O   . HOH B 2 .  ? -7.971  -2.848  -15.653 1.00 44.78  ? 243 HOH A O   1 
HETATM 675 O O   . HOH B 2 .  ? -9.495  2.478   14.154  1.00 62.67  ? 244 HOH A O   1 
HETATM 676 O O   . HOH B 2 .  ? -11.658 -4.440  -11.053 1.00 73.49  ? 245 HOH A O   1 
HETATM 677 O O   . HOH B 2 .  ? 2.380   5.991   -16.945 1.00 69.18  ? 246 HOH A O   1 
HETATM 678 O O   . HOH B 2 .  ? -8.472  -17.409 -0.553  1.00 72.42  ? 247 HOH A O   1 
HETATM 679 O O   . HOH B 2 .  ? -9.753  6.233   4.222   1.00 66.54  ? 248 HOH A O   1 
# 
